data_7MT6
#
_entry.id   7MT6
#
_cell.length_a   183.96
_cell.length_b   60.96
_cell.length_c   67.4101
_cell.angle_alpha   90.0
_cell.angle_beta   94.58
_cell.angle_gamma   90.0
#
_symmetry.space_group_name_H-M   'C 1 2 1'
#
loop_
_entity.id
_entity.type
_entity.pdbx_description
1 polymer 'Tryptophan synthase alpha chain'
2 polymer 'Tryptophan synthase beta chain'
3 non-polymer '2-({[4-(TRIFLUOROMETHOXY)PHENYL]SULFONYL}AMINO)ETHYL DIHYDROGEN PHOSPHATE'
4 non-polymer '2-{[(E)-{3-hydroxy-2-methyl-5-[(phosphonooxy)methyl]pyridin-4-yl}methylidene]amino}prop-2-enoic acid'
5 non-polymer 'CESIUM ION'
6 non-polymer BENZIMIDAZOLE
7 water water
#
loop_
_entity_poly.entity_id
_entity_poly.type
_entity_poly.pdbx_seq_one_letter_code
_entity_poly.pdbx_strand_id
1 'polypeptide(L)'
;MERYENLFAQLNDRREGAFVPFVTLGDPGIEQSLKIIDTLIDAGADALELGVPFSDPLADGPTIQNANLRAFAAGVTPAQ
CFEMLALIREKHPTIPIGLLMYANLVFNNGIDAFYARCEQVGVDSVLVADVPVEESAPFRQAALRHNIAPIFICPPNADD
DLLRQVASYGRGYTYLLSRSGVTGAENRGALPLHHLIEKLKEYHAAPALQGFGISSPEQVSAAVRAGAAGAISGSAIVKI
IEKNLASPKQMLAELRSFVSAMKAASRA
;
A
2 'polypeptide(L)'
;MTTLLNPYFGEFGGMYVPQILMPALNQLEEAFVSAQKDPEFQAQFADLLKNYAGRPTALTKCQNITAGTRTTLYLKREDL
LHGGAHKTNQVLGQALLAKRMGKSEIIAETGAGQHGVASALASALLGLKCRIYMGAKDVERQSPNVFRMRLMGAEVIPVH
SGSATLKDACNEALRDWSGSYETAHYMLGTAAGPHPYPTIVREFQRMIGEETKAQILDKEGRLPDAVIACVGGGSNAIGM
FADFINDTSVGLIGVEPGGHGIETGEHGAPLKHGRVGIYFGMKAPMMQTADGQIEESYSISAGLDFPSVGPQHAYLNSIG
RADYVSITDDEALEAFKTLCRHEGIIPALESSHALAHALKMMREQPEKEQLLVVNLSGRGDKDIFTVHDILKARGEI
;
B
#
loop_
_chem_comp.id
_chem_comp.type
_chem_comp.name
_chem_comp.formula
0JO non-polymer '2-{[(E)-{3-hydroxy-2-methyl-5-[(phosphonooxy)methyl]pyridin-4-yl}methylidene]amino}prop-2-enoic acid' 'C11 H13 N2 O7 P'
BZI non-polymer BENZIMIDAZOLE 'C7 H6 N2'
CS non-polymer 'CESIUM ION' 'Cs 1'
F9F non-polymer '2-({[4-(TRIFLUOROMETHOXY)PHENYL]SULFONYL}AMINO)ETHYL DIHYDROGEN PHOSPHATE' 'C9 H11 F3 N O7 P S'
#
# COMPACT_ATOMS: atom_id res chain seq x y z
N MET A 1 -15.17 -4.40 26.87
CA MET A 1 -15.26 -2.92 26.79
C MET A 1 -15.54 -2.29 28.17
N GLU A 2 -16.18 -2.97 29.16
CA GLU A 2 -16.51 -2.55 30.56
C GLU A 2 -15.32 -1.92 31.30
N ARG A 3 -14.15 -2.37 31.05
CA ARG A 3 -13.08 -1.70 31.79
C ARG A 3 -12.94 -0.22 31.43
N TYR A 4 -13.28 0.15 30.20
CA TYR A 4 -13.22 1.58 29.81
C TYR A 4 -14.36 2.34 30.49
N GLU A 5 -15.52 1.72 30.54
CA GLU A 5 -16.69 2.40 31.13
C GLU A 5 -16.40 2.72 32.59
N ASN A 6 -15.85 1.76 33.30
CA ASN A 6 -15.51 1.95 34.72
C ASN A 6 -14.45 3.04 34.83
N LEU A 7 -13.46 3.01 33.94
CA LEU A 7 -12.38 4.00 34.02
C LEU A 7 -12.92 5.41 33.87
N PHE A 8 -13.70 5.63 32.82
CA PHE A 8 -14.20 6.97 32.52
C PHE A 8 -15.22 7.43 33.57
N ALA A 9 -15.95 6.49 34.17
CA ALA A 9 -16.85 6.85 35.26
C ALA A 9 -16.05 7.32 36.47
N GLN A 10 -14.97 6.61 36.78
CA GLN A 10 -14.09 6.98 37.88
C GLN A 10 -13.41 8.32 37.62
N LEU A 11 -12.92 8.52 36.39
CA LEU A 11 -12.23 9.76 36.05
C LEU A 11 -13.20 10.94 36.08
N ASN A 12 -14.44 10.71 35.65
CA ASN A 12 -15.43 11.78 35.64
C ASN A 12 -15.74 12.21 37.05
N ASP A 13 -15.89 11.23 37.93
CA ASP A 13 -16.14 11.46 39.35
C ASP A 13 -15.01 12.27 40.00
N ARG A 14 -13.79 12.10 39.51
CA ARG A 14 -12.64 12.81 40.08
C ARG A 14 -12.29 14.05 39.28
N ARG A 15 -13.14 14.42 38.33
CA ARG A 15 -12.89 15.54 37.43
C ARG A 15 -11.48 15.44 36.83
N GLU A 16 -11.24 14.34 36.13
CA GLU A 16 -9.92 14.02 35.60
C GLU A 16 -10.02 13.57 34.15
N GLY A 17 -9.01 13.90 33.34
CA GLY A 17 -8.87 13.33 32.02
C GLY A 17 -8.01 12.08 32.10
N ALA A 18 -7.98 11.27 31.05
CA ALA A 18 -7.15 10.07 31.03
C ALA A 18 -5.82 10.35 30.35
N PHE A 19 -4.75 9.75 30.87
CA PHE A 19 -3.51 9.72 30.08
C PHE A 19 -3.18 8.29 29.70
N VAL A 20 -2.99 8.08 28.39
CA VAL A 20 -2.82 6.74 27.85
C VAL A 20 -1.57 6.65 26.99
N PRO A 21 -0.50 6.03 27.51
CA PRO A 21 0.72 5.84 26.72
C PRO A 21 0.57 4.72 25.70
N PHE A 22 1.25 4.87 24.57
CA PHE A 22 1.42 3.78 23.61
C PHE A 22 2.85 3.25 23.68
N VAL A 23 3.03 1.93 23.64
CA VAL A 23 4.31 1.32 23.34
C VAL A 23 4.11 0.10 22.44
N THR A 24 5.17 -0.30 21.75
CA THR A 24 5.14 -1.53 20.99
C THR A 24 5.45 -2.71 21.90
N LEU A 25 4.61 -3.75 21.86
CA LEU A 25 4.89 -4.95 22.65
C LEU A 25 6.19 -5.60 22.21
N GLY A 26 7.05 -5.91 23.17
CA GLY A 26 8.30 -6.59 22.88
C GLY A 26 9.45 -5.68 22.46
N ASP A 27 9.23 -4.37 22.56
CA ASP A 27 10.28 -3.38 22.29
C ASP A 27 10.90 -2.90 23.60
N PRO A 28 12.21 -3.11 23.80
CA PRO A 28 13.22 -3.67 22.89
C PRO A 28 13.41 -5.17 23.04
N GLY A 29 12.74 -5.75 24.02
CA GLY A 29 12.76 -7.18 24.21
C GLY A 29 11.56 -7.51 25.07
N ILE A 30 11.22 -8.79 25.17
CA ILE A 30 10.01 -9.16 25.87
C ILE A 30 10.10 -8.78 27.36
N GLU A 31 11.19 -9.15 28.02
CA GLU A 31 11.27 -8.88 29.44
C GLU A 31 11.33 -7.39 29.75
N GLN A 32 12.09 -6.62 28.97
CA GLN A 32 12.19 -5.18 29.20
C GLN A 32 10.86 -4.50 28.88
N SER A 33 10.16 -4.99 27.87
CA SER A 33 8.86 -4.42 27.52
C SER A 33 7.88 -4.61 28.69
N LEU A 34 7.89 -5.80 29.28
CA LEU A 34 7.01 -6.07 30.42
C LEU A 34 7.32 -5.14 31.59
N LYS A 35 8.59 -4.86 31.82
CA LYS A 35 9.00 -3.93 32.87
C LYS A 35 8.63 -2.50 32.53
N ILE A 36 8.79 -2.14 31.25
CA ILE A 36 8.40 -0.83 30.77
C ILE A 36 6.92 -0.57 31.06
N ILE A 37 6.09 -1.55 30.73
CA ILE A 37 4.65 -1.41 30.88
C ILE A 37 4.28 -1.34 32.36
N ASP A 38 4.99 -2.09 33.21
CA ASP A 38 4.72 -1.99 34.66
C ASP A 38 5.05 -0.58 35.14
N THR A 39 6.12 0.01 34.62
CA THR A 39 6.52 1.34 35.02
C THR A 39 5.52 2.41 34.53
N LEU A 40 5.02 2.26 33.31
CA LEU A 40 3.96 3.14 32.80
C LEU A 40 2.73 3.14 33.71
N ILE A 41 2.35 1.95 34.16
CA ILE A 41 1.17 1.81 34.99
C ILE A 41 1.42 2.41 36.38
N ASP A 42 2.58 2.09 36.95
CA ASP A 42 2.90 2.57 38.28
C ASP A 42 3.06 4.09 38.31
N ALA A 43 3.45 4.66 37.17
CA ALA A 43 3.63 6.10 37.05
C ALA A 43 2.30 6.82 36.84
N GLY A 44 1.23 6.06 36.64
CA GLY A 44 -0.09 6.66 36.56
C GLY A 44 -0.86 6.58 35.26
N ALA A 45 -0.40 5.75 34.33
CA ALA A 45 -1.17 5.51 33.11
C ALA A 45 -2.57 5.03 33.46
N ASP A 46 -3.59 5.66 32.89
CA ASP A 46 -4.97 5.26 33.13
C ASP A 46 -5.39 4.06 32.30
N ALA A 47 -4.72 3.89 31.18
CA ALA A 47 -5.00 2.78 30.27
C ALA A 47 -3.78 2.60 29.38
N LEU A 48 -3.77 1.54 28.59
CA LEU A 48 -2.67 1.28 27.69
C LEU A 48 -3.12 1.12 26.26
N GLU A 49 -2.32 1.64 25.34
CA GLU A 49 -2.45 1.31 23.94
C GLU A 49 -1.18 0.56 23.55
N LEU A 50 -1.33 -0.66 23.04
CA LEU A 50 -0.19 -1.54 22.86
C LEU A 50 -0.11 -2.03 21.41
N GLY A 51 1.02 -1.82 20.76
CA GLY A 51 1.17 -2.25 19.38
C GLY A 51 1.68 -3.68 19.21
N VAL A 52 1.07 -4.43 18.30
CA VAL A 52 1.62 -5.73 17.91
C VAL A 52 2.53 -5.47 16.71
N PRO A 53 3.81 -5.87 16.81
CA PRO A 53 4.76 -5.58 15.73
C PRO A 53 4.25 -6.07 14.38
N PHE A 54 4.26 -5.17 13.40
CA PHE A 54 3.83 -5.47 12.04
C PHE A 54 4.90 -5.06 11.05
N SER A 55 5.02 -5.83 9.97
CA SER A 55 6.08 -5.60 9.00
C SER A 55 6.01 -4.25 8.28
N ASP A 56 4.80 -3.77 8.07
CA ASP A 56 4.59 -2.57 7.24
C ASP A 56 3.56 -1.65 7.86
N PRO A 57 3.96 -0.96 8.96
CA PRO A 57 3.02 -0.12 9.71
C PRO A 57 2.80 1.23 9.06
N LEU A 58 1.80 1.34 8.21
CA LEU A 58 1.70 2.51 7.34
C LEU A 58 1.08 3.74 7.96
N ALA A 59 0.55 3.62 9.18
CA ALA A 59 0.07 4.81 9.90
C ALA A 59 1.13 5.36 10.85
N ASP A 60 2.32 4.78 10.80
CA ASP A 60 3.35 5.13 11.78
C ASP A 60 4.59 5.78 11.16
N GLY A 61 5.07 6.83 11.82
CA GLY A 61 6.31 7.50 11.43
C GLY A 61 7.53 6.72 11.88
N PRO A 62 8.73 7.28 11.63
CA PRO A 62 9.99 6.58 11.90
C PRO A 62 10.16 6.09 13.34
N THR A 63 9.79 6.87 14.34
CA THR A 63 9.99 6.45 15.74
C THR A 63 9.33 5.09 16.04
N ILE A 64 8.06 4.95 15.69
CA ILE A 64 7.34 3.71 15.99
C ILE A 64 7.65 2.62 14.95
N GLN A 65 8.01 3.03 13.73
CA GLN A 65 8.60 2.10 12.76
C GLN A 65 9.77 1.38 13.38
N ASN A 66 10.64 2.16 14.02
CA ASN A 66 11.85 1.58 14.60
C ASN A 66 11.57 0.77 15.85
N ALA A 67 10.49 1.08 16.56
CA ALA A 67 10.04 0.25 17.67
C ALA A 67 9.63 -1.12 17.17
N ASN A 68 8.89 -1.15 16.06
CA ASN A 68 8.51 -2.41 15.46
C ASN A 68 9.75 -3.20 15.05
N LEU A 69 10.72 -2.51 14.47
CA LEU A 69 11.95 -3.17 14.04
C LEU A 69 12.71 -3.78 15.23
N ARG A 70 12.81 -3.05 16.34
CA ARG A 70 13.50 -3.59 17.52
C ARG A 70 12.80 -4.84 18.06
N ALA A 71 11.49 -4.82 18.09
CA ALA A 71 10.72 -5.97 18.55
C ALA A 71 10.98 -7.19 17.65
N PHE A 72 10.96 -6.97 16.34
CA PHE A 72 11.26 -8.06 15.41
C PHE A 72 12.69 -8.57 15.59
N ALA A 73 13.63 -7.66 15.81
CA ALA A 73 15.03 -8.06 16.07
C ALA A 73 15.13 -8.97 17.29
N ALA A 74 14.24 -8.76 18.25
CA ALA A 74 14.14 -9.62 19.42
C ALA A 74 13.28 -10.84 19.15
N GLY A 75 12.83 -11.00 17.90
CA GLY A 75 12.07 -12.17 17.49
C GLY A 75 10.62 -12.20 17.96
N VAL A 76 10.07 -11.04 18.27
CA VAL A 76 8.71 -10.95 18.77
C VAL A 76 7.67 -11.29 17.71
N THR A 77 6.74 -12.17 18.07
CA THR A 77 5.63 -12.59 17.20
C THR A 77 4.29 -12.23 17.83
N PRO A 78 3.21 -12.26 17.04
CA PRO A 78 1.91 -12.03 17.68
C PRO A 78 1.61 -13.06 18.79
N ALA A 79 2.03 -14.30 18.65
CA ALA A 79 1.77 -15.30 19.69
C ALA A 79 2.43 -14.89 21.02
N GLN A 80 3.67 -14.42 20.93
CA GLN A 80 4.38 -13.95 22.11
C GLN A 80 3.74 -12.69 22.68
N CYS A 81 3.16 -11.86 21.80
CA CYS A 81 2.42 -10.70 22.28
C CYS A 81 1.25 -11.12 23.16
N PHE A 82 0.55 -12.17 22.74
CA PHE A 82 -0.60 -12.62 23.53
C PHE A 82 -0.15 -13.26 24.82
N GLU A 83 1.06 -13.85 24.82
CA GLU A 83 1.66 -14.36 26.05
C GLU A 83 1.91 -13.21 27.01
N MET A 84 2.46 -12.11 26.49
CA MET A 84 2.70 -10.90 27.29
C MET A 84 1.40 -10.32 27.85
N LEU A 85 0.38 -10.24 27.00
CA LEU A 85 -0.92 -9.68 27.39
C LEU A 85 -1.53 -10.47 28.55
N ALA A 86 -1.43 -11.79 28.51
CA ALA A 86 -1.88 -12.63 29.62
C ALA A 86 -1.18 -12.22 30.91
N LEU A 87 0.14 -12.05 30.84
CA LEU A 87 0.93 -11.68 32.00
C LEU A 87 0.55 -10.30 32.53
N ILE A 88 0.36 -9.35 31.63
CA ILE A 88 -0.01 -8.00 32.03
C ILE A 88 -1.36 -8.00 32.73
N ARG A 89 -2.35 -8.64 32.12
CA ARG A 89 -3.70 -8.72 32.71
C ARG A 89 -3.69 -9.44 34.05
N GLU A 90 -2.79 -10.42 34.21
CA GLU A 90 -2.68 -11.19 35.45
C GLU A 90 -2.26 -10.27 36.61
N LYS A 91 -1.39 -9.31 36.31
CA LYS A 91 -0.86 -8.38 37.31
C LYS A 91 -1.79 -7.19 37.54
N HIS A 92 -2.49 -6.79 36.50
CA HIS A 92 -3.28 -5.56 36.51
C HIS A 92 -4.71 -5.84 36.06
N PRO A 93 -5.59 -6.15 37.02
CA PRO A 93 -6.91 -6.67 36.62
C PRO A 93 -7.88 -5.62 36.07
N THR A 94 -7.69 -4.34 36.36
CA THR A 94 -8.72 -3.37 35.98
C THR A 94 -8.32 -2.39 34.89
N ILE A 95 -7.02 -2.27 34.57
CA ILE A 95 -6.59 -1.26 33.61
C ILE A 95 -7.09 -1.60 32.20
N PRO A 96 -7.67 -0.62 31.49
CA PRO A 96 -8.09 -0.98 30.14
C PRO A 96 -6.90 -1.17 29.21
N ILE A 97 -6.94 -2.23 28.41
CA ILE A 97 -5.88 -2.51 27.45
C ILE A 97 -6.45 -2.47 26.03
N GLY A 98 -5.92 -1.58 25.21
CA GLY A 98 -6.29 -1.55 23.80
C GLY A 98 -5.13 -2.01 22.95
N LEU A 99 -5.42 -2.74 21.89
CA LEU A 99 -4.40 -3.12 20.91
C LEU A 99 -4.47 -2.21 19.69
N LEU A 100 -3.29 -1.86 19.19
CA LEU A 100 -3.18 -1.16 17.90
C LEU A 100 -2.76 -2.20 16.87
N MET A 101 -3.69 -2.54 15.98
CA MET A 101 -3.45 -3.60 14.99
C MET A 101 -3.45 -3.08 13.57
N TYR A 102 -2.72 -3.76 12.69
CA TYR A 102 -2.94 -3.57 11.28
C TYR A 102 -3.78 -4.72 10.75
N ALA A 103 -4.54 -4.43 9.71
CA ALA A 103 -5.58 -5.33 9.24
C ALA A 103 -5.11 -6.74 8.98
N ASN A 104 -3.94 -6.88 8.36
CA ASN A 104 -3.56 -8.23 7.96
C ASN A 104 -3.35 -9.16 9.15
N LEU A 105 -2.90 -8.61 10.28
CA LEU A 105 -2.65 -9.44 11.46
C LEU A 105 -3.97 -9.95 12.06
N VAL A 106 -5.04 -9.19 11.85
CA VAL A 106 -6.34 -9.56 12.38
C VAL A 106 -7.03 -10.51 11.41
N PHE A 107 -6.86 -10.23 10.12
CA PHE A 107 -7.55 -10.97 9.06
C PHE A 107 -6.89 -12.31 8.80
N ASN A 108 -5.58 -12.37 9.11
CA ASN A 108 -4.68 -13.44 8.69
C ASN A 108 -5.25 -14.85 8.70
N ASN A 109 -5.56 -15.35 9.88
CA ASN A 109 -6.11 -16.69 9.94
C ASN A 109 -7.48 -16.68 10.59
N GLY A 110 -8.27 -15.66 10.25
CA GLY A 110 -9.63 -15.57 10.75
C GLY A 110 -9.83 -14.40 11.69
N ILE A 111 -10.70 -13.48 11.26
CA ILE A 111 -11.07 -12.33 12.07
C ILE A 111 -11.71 -12.76 13.39
N ASP A 112 -12.65 -13.70 13.31
CA ASP A 112 -13.34 -14.12 14.50
C ASP A 112 -12.36 -14.71 15.49
N ALA A 113 -11.45 -15.54 14.99
CA ALA A 113 -10.49 -16.21 15.86
C ALA A 113 -9.60 -15.19 16.53
N PHE A 114 -9.28 -14.10 15.83
CA PHE A 114 -8.43 -13.08 16.41
C PHE A 114 -9.10 -12.40 17.61
N TYR A 115 -10.35 -12.00 17.43
CA TYR A 115 -11.05 -11.33 18.54
C TYR A 115 -11.34 -12.31 19.68
N ALA A 116 -11.50 -13.58 19.35
CA ALA A 116 -11.65 -14.61 20.38
C ALA A 116 -10.40 -14.67 21.25
N ARG A 117 -9.24 -14.62 20.63
CA ARG A 117 -7.98 -14.64 21.37
C ARG A 117 -7.87 -13.40 22.23
N CYS A 118 -8.33 -12.27 21.70
CA CYS A 118 -8.32 -11.03 22.48
C CYS A 118 -9.16 -11.16 23.74
N GLU A 119 -10.35 -11.72 23.61
CA GLU A 119 -11.26 -11.88 24.73
C GLU A 119 -10.66 -12.82 25.75
N GLN A 120 -10.08 -13.91 25.26
CA GLN A 120 -9.47 -14.90 26.13
C GLN A 120 -8.38 -14.30 27.02
N VAL A 121 -7.54 -13.42 26.48
CA VAL A 121 -6.44 -12.87 27.29
C VAL A 121 -6.85 -11.63 28.08
N GLY A 122 -8.03 -11.10 27.81
CA GLY A 122 -8.53 -9.98 28.58
C GLY A 122 -8.20 -8.61 28.04
N VAL A 123 -8.00 -8.55 26.72
CA VAL A 123 -7.91 -7.26 26.02
C VAL A 123 -9.27 -6.58 26.02
N ASP A 124 -9.31 -5.25 26.05
CA ASP A 124 -10.57 -4.52 26.13
C ASP A 124 -10.98 -3.84 24.82
N SER A 125 -10.01 -3.42 24.02
CA SER A 125 -10.33 -2.80 22.73
C SER A 125 -9.30 -3.15 21.68
N VAL A 126 -9.72 -3.02 20.43
CA VAL A 126 -8.85 -3.21 19.27
C VAL A 126 -9.10 -2.06 18.29
N LEU A 127 -8.01 -1.37 17.94
CA LEU A 127 -8.04 -0.36 16.89
C LEU A 127 -7.31 -0.92 15.67
N VAL A 128 -8.02 -1.11 14.58
CA VAL A 128 -7.38 -1.58 13.35
C VAL A 128 -7.11 -0.35 12.47
N ALA A 129 -5.85 0.03 12.36
CA ALA A 129 -5.47 1.33 11.81
C ALA A 129 -5.83 1.54 10.33
N ASP A 130 -5.77 0.47 9.54
CA ASP A 130 -6.00 0.61 8.11
C ASP A 130 -7.34 0.01 7.68
N VAL A 131 -8.30 0.00 8.60
CA VAL A 131 -9.69 -0.34 8.26
C VAL A 131 -10.56 0.86 8.58
N PRO A 132 -10.99 1.59 7.54
CA PRO A 132 -11.92 2.68 7.78
C PRO A 132 -13.31 2.15 8.16
N VAL A 133 -14.20 3.01 8.68
CA VAL A 133 -15.54 2.54 9.04
C VAL A 133 -16.21 1.88 7.86
N GLU A 134 -15.91 2.36 6.65
CA GLU A 134 -16.51 1.84 5.43
C GLU A 134 -16.21 0.36 5.22
N GLU A 135 -15.06 -0.11 5.69
CA GLU A 135 -14.67 -1.53 5.56
C GLU A 135 -14.81 -2.33 6.86
N SER A 136 -15.41 -1.72 7.88
CA SER A 136 -15.29 -2.25 9.23
C SER A 136 -16.25 -3.36 9.62
N ALA A 137 -17.29 -3.61 8.83
CA ALA A 137 -18.38 -4.47 9.32
C ALA A 137 -17.93 -5.81 9.95
N PRO A 138 -17.13 -6.63 9.24
CA PRO A 138 -16.78 -7.92 9.86
C PRO A 138 -15.89 -7.77 11.09
N PHE A 139 -15.11 -6.68 11.17
CA PHE A 139 -14.26 -6.45 12.32
C PHE A 139 -15.05 -6.01 13.55
N ARG A 140 -15.95 -5.04 13.38
CA ARG A 140 -16.69 -4.57 14.55
C ARG A 140 -17.69 -5.62 15.01
N GLN A 141 -18.22 -6.40 14.07
CA GLN A 141 -19.15 -7.47 14.44
C GLN A 141 -18.46 -8.53 15.26
N ALA A 142 -17.28 -8.95 14.81
CA ALA A 142 -16.52 -9.95 15.54
C ALA A 142 -16.11 -9.41 16.90
N ALA A 143 -15.68 -8.15 16.93
CA ALA A 143 -15.30 -7.51 18.18
C ALA A 143 -16.46 -7.56 19.17
N LEU A 144 -17.64 -7.11 18.76
CA LEU A 144 -18.74 -7.04 19.70
C LEU A 144 -19.17 -8.43 20.16
N ARG A 145 -19.09 -9.42 19.28
CA ARG A 145 -19.45 -10.79 19.65
C ARG A 145 -18.53 -11.34 20.73
N HIS A 146 -17.31 -10.81 20.83
CA HIS A 146 -16.32 -11.27 21.81
C HIS A 146 -16.08 -10.24 22.91
N ASN A 147 -17.06 -9.36 23.10
CA ASN A 147 -17.00 -8.33 24.14
C ASN A 147 -15.76 -7.45 24.06
N ILE A 148 -15.30 -7.20 22.84
CA ILE A 148 -14.18 -6.30 22.60
C ILE A 148 -14.72 -5.01 21.99
N ALA A 149 -14.20 -3.88 22.45
CA ALA A 149 -14.59 -2.59 21.88
C ALA A 149 -13.86 -2.34 20.59
N PRO A 150 -14.59 -2.11 19.50
CA PRO A 150 -13.87 -1.71 18.29
C PRO A 150 -13.67 -0.20 18.27
N ILE A 151 -12.44 0.26 18.06
CA ILE A 151 -12.13 1.68 18.14
C ILE A 151 -12.09 2.30 16.76
N PHE A 152 -12.81 3.41 16.58
CA PHE A 152 -12.81 4.09 15.30
C PHE A 152 -12.29 5.51 15.41
N ILE A 153 -11.86 6.04 14.27
CA ILE A 153 -11.14 7.30 14.21
C ILE A 153 -12.02 8.44 13.74
N CYS A 154 -11.96 9.55 14.46
CA CYS A 154 -12.60 10.79 14.03
C CYS A 154 -11.50 11.77 13.60
N PRO A 155 -11.30 11.92 12.27
CA PRO A 155 -10.29 12.82 11.73
C PRO A 155 -10.71 14.28 11.85
N PRO A 156 -9.75 15.21 11.75
CA PRO A 156 -10.05 16.65 11.87
C PRO A 156 -11.14 17.12 10.92
N ASN A 157 -11.18 16.59 9.70
CA ASN A 157 -12.20 17.02 8.74
C ASN A 157 -13.34 16.02 8.60
N ALA A 158 -13.72 15.39 9.70
CA ALA A 158 -14.83 14.45 9.69
C ALA A 158 -16.15 15.17 9.42
N ASP A 159 -16.92 14.67 8.46
CA ASP A 159 -18.24 15.25 8.22
C ASP A 159 -19.26 14.61 9.15
N ASP A 160 -20.52 15.05 9.04
CA ASP A 160 -21.55 14.61 9.98
C ASP A 160 -21.88 13.13 9.85
N ASP A 161 -21.91 12.63 8.62
CA ASP A 161 -22.16 11.21 8.41
C ASP A 161 -21.13 10.36 9.13
N LEU A 162 -19.86 10.75 9.00
CA LEU A 162 -18.79 10.02 9.67
C LEU A 162 -18.93 10.10 11.19
N LEU A 163 -19.20 11.29 11.72
CA LEU A 163 -19.40 11.44 13.17
C LEU A 163 -20.49 10.50 13.69
N ARG A 164 -21.59 10.40 12.96
CA ARG A 164 -22.70 9.53 13.36
C ARG A 164 -22.34 8.06 13.27
N GLN A 165 -21.56 7.69 12.26
CA GLN A 165 -21.13 6.31 12.11
C GLN A 165 -20.17 5.92 13.22
N VAL A 166 -19.17 6.78 13.46
CA VAL A 166 -18.19 6.53 14.51
C VAL A 166 -18.89 6.43 15.87
N ALA A 167 -19.86 7.30 16.12
CA ALA A 167 -20.58 7.27 17.38
C ALA A 167 -21.38 5.98 17.56
N SER A 168 -21.95 5.48 16.47
CA SER A 168 -22.77 4.28 16.52
C SER A 168 -21.95 2.98 16.55
N TYR A 169 -20.88 2.93 15.77
CA TYR A 169 -20.12 1.70 15.59
C TYR A 169 -19.09 1.42 16.68
N GLY A 170 -18.56 2.47 17.27
CA GLY A 170 -17.42 2.34 18.18
C GLY A 170 -17.85 2.07 19.60
N ARG A 171 -16.92 1.54 20.40
CA ARG A 171 -17.16 1.38 21.82
C ARG A 171 -15.91 1.76 22.57
N GLY A 172 -16.02 1.90 23.88
CA GLY A 172 -14.85 2.08 24.72
C GLY A 172 -14.37 3.52 24.73
N TYR A 173 -13.71 3.94 23.66
CA TYR A 173 -13.38 5.34 23.48
C TYR A 173 -13.38 5.68 21.99
N THR A 174 -13.57 6.96 21.67
CA THR A 174 -13.48 7.45 20.29
C THR A 174 -12.11 8.07 20.06
N TYR A 175 -11.43 7.66 19.00
CA TYR A 175 -10.10 8.21 18.76
C TYR A 175 -10.22 9.55 18.04
N LEU A 176 -9.77 10.61 18.70
CA LEU A 176 -9.84 11.94 18.11
C LEU A 176 -8.48 12.30 17.58
N LEU A 177 -8.34 12.21 16.26
CA LEU A 177 -7.10 12.43 15.56
C LEU A 177 -6.74 13.91 15.60
N SER A 178 -5.53 14.23 16.06
CA SER A 178 -5.10 15.61 16.22
CA SER A 178 -5.14 15.63 16.21
C SER A 178 -4.81 16.29 14.88
N ARG A 179 -4.45 15.49 13.89
CA ARG A 179 -3.93 16.04 12.64
C ARG A 179 -3.85 14.95 11.60
N SER A 180 -3.64 15.34 10.35
CA SER A 180 -3.32 14.37 9.31
C SER A 180 -1.89 13.86 9.48
N GLY A 181 -1.50 12.92 8.63
CA GLY A 181 -0.15 12.38 8.69
C GLY A 181 -0.07 11.09 9.49
N VAL A 182 1.15 10.72 9.82
CA VAL A 182 1.43 9.49 10.53
C VAL A 182 1.90 9.81 11.95
N THR A 183 2.04 8.79 12.78
CA THR A 183 2.46 9.03 14.17
C THR A 183 3.82 9.71 14.22
N GLY A 184 4.00 10.57 15.21
CA GLY A 184 5.23 11.33 15.29
C GLY A 184 5.16 12.42 16.35
N ALA A 185 6.17 12.46 17.21
CA ALA A 185 6.20 13.42 18.32
C ALA A 185 6.53 14.82 17.83
N GLU A 186 7.35 14.88 16.79
CA GLU A 186 7.89 16.14 16.29
C GLU A 186 6.82 16.97 15.60
N ASN A 187 5.86 16.27 15.00
CA ASN A 187 4.75 16.90 14.29
C ASN A 187 3.58 17.10 15.25
N ARG A 188 3.48 18.29 15.83
CA ARG A 188 2.48 18.56 16.86
C ARG A 188 1.10 18.78 16.25
N GLY A 189 0.11 18.05 16.75
CA GLY A 189 -1.24 18.20 16.26
C GLY A 189 -1.89 19.43 16.87
N ALA A 190 -3.05 19.81 16.35
CA ALA A 190 -3.76 20.98 16.81
C ALA A 190 -4.54 20.71 18.09
N LEU A 191 -5.24 21.73 18.58
CA LEU A 191 -6.16 21.57 19.70
C LEU A 191 -7.31 20.69 19.28
N PRO A 192 -7.92 19.98 20.24
CA PRO A 192 -9.13 19.25 19.90
C PRO A 192 -10.17 20.20 19.32
N LEU A 193 -10.56 19.97 18.08
CA LEU A 193 -11.61 20.75 17.47
C LEU A 193 -12.84 20.60 18.34
N HIS A 194 -13.32 21.71 18.89
CA HIS A 194 -14.41 21.66 19.86
C HIS A 194 -15.70 21.19 19.21
N HIS A 195 -15.88 21.50 17.93
CA HIS A 195 -17.12 21.12 17.26
C HIS A 195 -17.23 19.59 17.17
N LEU A 196 -16.11 18.92 16.92
CA LEU A 196 -16.10 17.47 16.87
C LEU A 196 -16.41 16.87 18.25
N ILE A 197 -15.70 17.36 19.27
CA ILE A 197 -15.93 16.91 20.64
C ILE A 197 -17.40 17.01 21.04
N GLU A 198 -18.00 18.17 20.80
CA GLU A 198 -19.39 18.39 21.20
C GLU A 198 -20.35 17.59 20.34
N LYS A 199 -20.01 17.40 19.07
CA LYS A 199 -20.85 16.60 18.19
C LYS A 199 -20.84 15.13 18.58
N LEU A 200 -19.66 14.63 18.96
CA LEU A 200 -19.55 13.25 19.41
C LEU A 200 -20.39 13.04 20.68
N LYS A 201 -20.34 14.02 21.58
CA LYS A 201 -21.13 13.95 22.80
C LYS A 201 -22.62 13.97 22.46
N GLU A 202 -22.99 14.82 21.51
CA GLU A 202 -24.38 14.92 21.06
C GLU A 202 -24.88 13.58 20.53
N TYR A 203 -24.00 12.83 19.88
CA TYR A 203 -24.36 11.54 19.30
C TYR A 203 -24.08 10.36 20.23
N HIS A 204 -23.77 10.66 21.49
CA HIS A 204 -23.55 9.63 22.51
C HIS A 204 -22.42 8.68 22.15
N ALA A 205 -21.39 9.23 21.50
CA ALA A 205 -20.20 8.44 21.18
C ALA A 205 -19.45 8.06 22.45
N ALA A 206 -18.65 7.01 22.38
CA ALA A 206 -17.72 6.70 23.45
C ALA A 206 -16.83 7.92 23.67
N PRO A 207 -16.34 8.10 24.92
CA PRO A 207 -15.54 9.28 25.26
C PRO A 207 -14.32 9.44 24.37
N ALA A 208 -13.98 10.68 24.01
CA ALA A 208 -12.90 10.91 23.06
C ALA A 208 -11.51 10.97 23.71
N LEU A 209 -10.56 10.25 23.12
CA LEU A 209 -9.16 10.44 23.48
C LEU A 209 -8.43 11.08 22.30
N GLN A 210 -7.68 12.15 22.55
CA GLN A 210 -6.95 12.78 21.45
C GLN A 210 -5.60 12.11 21.23
N GLY A 211 -5.23 11.87 19.97
CA GLY A 211 -3.94 11.27 19.69
C GLY A 211 -3.29 11.75 18.40
N PHE A 212 -1.96 11.54 18.33
CA PHE A 212 -1.00 11.93 17.28
C PHE A 212 -0.34 13.23 17.69
N GLY A 213 0.97 13.17 17.83
CA GLY A 213 1.77 14.36 18.07
C GLY A 213 1.62 14.96 19.46
N ILE A 214 1.00 14.22 20.37
CA ILE A 214 0.87 14.69 21.75
C ILE A 214 2.10 14.24 22.53
N SER A 215 2.97 15.18 22.87
CA SER A 215 4.28 14.80 23.42
C SER A 215 4.71 15.66 24.62
N SER A 216 3.79 16.49 25.13
CA SER A 216 4.09 17.36 26.27
C SER A 216 2.87 17.52 27.17
N PRO A 217 3.09 17.75 28.46
CA PRO A 217 1.99 17.92 29.42
C PRO A 217 1.06 19.06 29.04
N GLU A 218 1.63 20.12 28.45
CA GLU A 218 0.82 21.26 28.03
C GLU A 218 -0.27 20.81 27.06
N GLN A 219 0.09 19.90 26.15
CA GLN A 219 -0.87 19.41 25.15
C GLN A 219 -1.94 18.54 25.77
N VAL A 220 -1.56 17.77 26.78
CA VAL A 220 -2.51 16.94 27.49
C VAL A 220 -3.55 17.82 28.18
N SER A 221 -3.07 18.86 28.87
CA SER A 221 -3.97 19.79 29.56
C SER A 221 -4.93 20.44 28.57
N ALA A 222 -4.39 20.89 27.45
CA ALA A 222 -5.20 21.55 26.42
C ALA A 222 -6.27 20.63 25.86
N ALA A 223 -5.93 19.36 25.72
CA ALA A 223 -6.90 18.37 25.26
C ALA A 223 -8.05 18.23 26.24
N VAL A 224 -7.75 18.15 27.53
CA VAL A 224 -8.81 17.99 28.52
C VAL A 224 -9.60 19.28 28.68
N ARG A 225 -8.91 20.43 28.61
CA ARG A 225 -9.61 21.71 28.69
C ARG A 225 -10.59 21.89 27.55
N ALA A 226 -10.22 21.37 26.37
CA ALA A 226 -11.06 21.49 25.18
C ALA A 226 -12.28 20.57 25.22
N GLY A 227 -12.30 19.64 26.18
CA GLY A 227 -13.46 18.77 26.35
C GLY A 227 -13.24 17.29 26.08
N ALA A 228 -12.04 16.92 25.62
CA ALA A 228 -11.73 15.51 25.40
C ALA A 228 -11.61 14.77 26.75
N ALA A 229 -11.88 13.47 26.75
CA ALA A 229 -11.82 12.69 27.98
C ALA A 229 -10.39 12.31 28.35
N GLY A 230 -9.44 12.57 27.44
CA GLY A 230 -8.05 12.26 27.70
C GLY A 230 -7.17 12.33 26.46
N ALA A 231 -5.94 11.87 26.59
CA ALA A 231 -4.98 11.97 25.51
C ALA A 231 -4.08 10.75 25.45
N ILE A 232 -3.63 10.43 24.25
CA ILE A 232 -2.72 9.32 24.02
C ILE A 232 -1.38 9.88 23.55
N SER A 233 -0.28 9.31 24.05
CA SER A 233 1.05 9.68 23.59
C SER A 233 1.83 8.42 23.27
N GLY A 234 2.40 8.35 22.08
CA GLY A 234 3.17 7.19 21.69
C GLY A 234 4.64 7.49 21.42
N SER A 235 4.91 8.21 20.33
CA SER A 235 6.28 8.48 19.92
C SER A 235 7.14 9.12 21.01
N ALA A 236 6.54 10.03 21.79
CA ALA A 236 7.28 10.66 22.89
C ALA A 236 7.72 9.62 23.92
N ILE A 237 6.88 8.63 24.15
CA ILE A 237 7.22 7.54 25.08
C ILE A 237 8.29 6.65 24.44
N VAL A 238 8.08 6.28 23.19
CA VAL A 238 8.99 5.40 22.48
C VAL A 238 10.39 6.03 22.30
N LYS A 239 10.44 7.34 22.15
CA LYS A 239 11.74 8.02 22.02
C LYS A 239 12.59 7.85 23.28
N ILE A 240 11.93 7.70 24.43
CA ILE A 240 12.65 7.51 25.68
C ILE A 240 13.23 6.11 25.70
N ILE A 241 12.48 5.15 25.17
CA ILE A 241 13.00 3.79 25.03
C ILE A 241 14.21 3.80 24.10
N GLU A 242 14.07 4.44 22.94
CA GLU A 242 15.12 4.44 21.93
C GLU A 242 16.40 5.10 22.44
N LYS A 243 16.22 6.15 23.23
CA LYS A 243 17.33 6.96 23.71
C LYS A 243 18.15 6.22 24.75
N ASN A 244 17.51 5.32 25.48
CA ASN A 244 18.16 4.67 26.62
C ASN A 244 18.33 3.17 26.47
N LEU A 245 18.47 2.70 25.24
CA LEU A 245 18.59 1.27 24.98
C LEU A 245 19.75 0.65 25.77
N ALA A 246 20.80 1.42 25.97
CA ALA A 246 22.01 0.93 26.64
C ALA A 246 21.89 1.03 28.17
N SER A 247 20.90 1.77 28.64
CA SER A 247 20.70 1.99 30.07
C SER A 247 19.27 1.64 30.50
N PRO A 248 18.99 0.34 30.69
CA PRO A 248 17.66 -0.13 31.08
C PRO A 248 17.11 0.61 32.31
N LYS A 249 17.98 0.87 33.28
CA LYS A 249 17.54 1.55 34.50
C LYS A 249 17.20 3.01 34.26
N GLN A 250 18.01 3.71 33.47
CA GLN A 250 17.74 5.10 33.18
C GLN A 250 16.48 5.21 32.34
N MET A 251 16.26 4.22 31.48
CA MET A 251 15.07 4.17 30.63
C MET A 251 13.80 4.25 31.48
N LEU A 252 13.73 3.38 32.49
CA LEU A 252 12.55 3.27 33.33
C LEU A 252 12.35 4.53 34.18
N ALA A 253 13.45 5.08 34.69
CA ALA A 253 13.35 6.29 35.49
C ALA A 253 12.83 7.46 34.65
N GLU A 254 13.32 7.56 33.42
CA GLU A 254 12.89 8.65 32.53
C GLU A 254 11.44 8.44 32.07
N LEU A 255 11.08 7.19 31.80
CA LEU A 255 9.69 6.86 31.49
C LEU A 255 8.78 7.26 32.65
N ARG A 256 9.21 6.94 33.87
CA ARG A 256 8.41 7.23 35.05
C ARG A 256 8.18 8.72 35.24
N SER A 257 9.25 9.51 35.12
CA SER A 257 9.15 10.95 35.26
C SER A 257 8.23 11.53 34.20
N PHE A 258 8.45 11.12 32.95
CA PHE A 258 7.67 11.63 31.85
C PHE A 258 6.19 11.31 32.03
N VAL A 259 5.87 10.05 32.29
CA VAL A 259 4.48 9.63 32.41
C VAL A 259 3.78 10.32 33.58
N SER A 260 4.50 10.46 34.69
CA SER A 260 3.97 11.16 35.86
C SER A 260 3.56 12.57 35.50
N ALA A 261 4.43 13.27 34.78
CA ALA A 261 4.19 14.65 34.38
C ALA A 261 3.01 14.72 33.42
N MET A 262 2.94 13.78 32.49
CA MET A 262 1.84 13.76 31.53
C MET A 262 0.52 13.50 32.25
N LYS A 263 0.51 12.57 33.21
CA LYS A 263 -0.70 12.24 33.95
C LYS A 263 -1.17 13.41 34.81
N ALA A 264 -0.24 14.06 35.48
CA ALA A 264 -0.55 15.23 36.31
C ALA A 264 -1.27 16.29 35.48
N ALA A 265 -0.84 16.43 34.23
CA ALA A 265 -1.41 17.42 33.33
C ALA A 265 -2.86 17.11 32.99
N SER A 266 -3.26 15.85 33.17
CA SER A 266 -4.62 15.44 32.83
C SER A 266 -5.59 15.77 33.96
N ARG A 267 -5.06 16.21 35.10
CA ARG A 267 -5.89 16.53 36.24
C ARG A 267 -6.32 17.99 36.19
N ALA A 268 -5.71 18.74 35.26
CA ALA A 268 -5.93 20.18 35.13
C ALA A 268 -7.31 20.53 34.58
N THR B 2 -19.78 5.07 1.32
CA THR B 2 -20.45 5.04 0.02
C THR B 2 -19.45 5.39 -1.08
N THR B 3 -19.59 4.73 -2.22
CA THR B 3 -18.80 5.04 -3.40
C THR B 3 -19.70 5.07 -4.61
N LEU B 4 -19.23 5.77 -5.65
CA LEU B 4 -19.92 5.81 -6.93
C LEU B 4 -19.74 4.53 -7.72
N LEU B 5 -18.57 3.91 -7.57
CA LEU B 5 -18.22 2.70 -8.33
C LEU B 5 -17.94 1.53 -7.39
N ASN B 6 -18.06 0.30 -7.91
CA ASN B 6 -17.75 -0.89 -7.11
C ASN B 6 -16.27 -0.97 -6.74
N PRO B 7 -15.94 -0.92 -5.44
CA PRO B 7 -14.52 -1.02 -5.09
C PRO B 7 -13.97 -2.43 -5.14
N TYR B 8 -14.82 -3.42 -5.43
CA TYR B 8 -14.40 -4.82 -5.38
C TYR B 8 -14.50 -5.53 -6.73
N PHE B 9 -13.62 -6.52 -6.87
CA PHE B 9 -13.69 -7.51 -7.94
C PHE B 9 -13.85 -8.85 -7.25
N GLY B 10 -15.08 -9.34 -7.14
CA GLY B 10 -15.34 -10.47 -6.26
C GLY B 10 -14.92 -10.12 -4.84
N GLU B 11 -14.11 -10.99 -4.22
CA GLU B 11 -13.60 -10.79 -2.87
C GLU B 11 -12.52 -9.70 -2.79
N PHE B 12 -11.93 -9.35 -3.92
CA PHE B 12 -10.67 -8.61 -3.88
C PHE B 12 -10.83 -7.12 -4.12
N GLY B 13 -10.01 -6.32 -3.45
CA GLY B 13 -10.00 -4.87 -3.62
C GLY B 13 -10.31 -4.12 -2.34
N GLY B 14 -11.22 -3.15 -2.44
CA GLY B 14 -11.61 -2.39 -1.26
C GLY B 14 -10.79 -1.13 -1.05
N MET B 15 -10.97 -0.53 0.13
CA MET B 15 -10.31 0.73 0.49
C MET B 15 -9.76 0.64 1.91
N TYR B 16 -8.73 -0.17 2.04
CA TYR B 16 -8.17 -0.42 3.36
C TYR B 16 -7.08 0.61 3.66
N VAL B 17 -7.51 1.85 3.83
CA VAL B 17 -6.63 2.94 4.21
C VAL B 17 -7.04 3.53 5.56
N PRO B 18 -6.10 4.20 6.24
CA PRO B 18 -6.50 4.94 7.45
C PRO B 18 -7.67 5.89 7.13
N GLN B 19 -8.56 6.09 8.10
CA GLN B 19 -9.76 6.89 7.90
C GLN B 19 -9.47 8.29 7.32
N ILE B 20 -8.32 8.84 7.70
CA ILE B 20 -7.93 10.17 7.26
C ILE B 20 -7.91 10.30 5.72
N LEU B 21 -7.64 9.20 5.01
CA LEU B 21 -7.46 9.27 3.56
C LEU B 21 -8.74 9.00 2.78
N MET B 22 -9.82 8.65 3.47
CA MET B 22 -11.03 8.30 2.73
C MET B 22 -11.63 9.46 1.94
N PRO B 23 -11.66 10.68 2.52
CA PRO B 23 -12.14 11.80 1.68
C PRO B 23 -11.34 12.00 0.39
N ALA B 24 -10.02 11.84 0.46
CA ALA B 24 -9.16 12.01 -0.70
C ALA B 24 -9.51 10.99 -1.77
N LEU B 25 -9.75 9.76 -1.32
CA LEU B 25 -10.09 8.69 -2.23
C LEU B 25 -11.45 8.94 -2.87
N ASN B 26 -12.42 9.36 -2.05
CA ASN B 26 -13.74 9.67 -2.59
C ASN B 26 -13.70 10.86 -3.56
N GLN B 27 -12.88 11.86 -3.24
CA GLN B 27 -12.72 13.03 -4.11
C GLN B 27 -12.16 12.60 -5.47
N LEU B 28 -11.16 11.72 -5.43
CA LEU B 28 -10.53 11.24 -6.64
C LEU B 28 -11.51 10.44 -7.49
N GLU B 29 -12.30 9.59 -6.82
CA GLU B 29 -13.28 8.79 -7.53
C GLU B 29 -14.28 9.70 -8.22
N GLU B 30 -14.71 10.73 -7.49
CA GLU B 30 -15.69 11.67 -8.02
C GLU B 30 -15.15 12.44 -9.22
N ALA B 31 -13.90 12.87 -9.13
CA ALA B 31 -13.26 13.60 -10.22
C ALA B 31 -13.08 12.71 -11.44
N PHE B 32 -12.73 11.45 -11.22
CA PHE B 32 -12.63 10.47 -12.29
C PHE B 32 -13.95 10.24 -13.01
N VAL B 33 -15.02 10.02 -12.26
CA VAL B 33 -16.33 9.78 -12.87
C VAL B 33 -16.73 11.02 -13.68
N SER B 34 -16.47 12.18 -13.12
CA SER B 34 -16.81 13.43 -13.81
C SER B 34 -15.98 13.57 -15.08
N ALA B 35 -14.68 13.31 -15.00
CA ALA B 35 -13.80 13.48 -16.15
C ALA B 35 -14.15 12.51 -17.28
N GLN B 36 -14.61 11.31 -16.93
CA GLN B 36 -14.87 10.29 -17.94
C GLN B 36 -16.05 10.66 -18.84
N LYS B 37 -16.92 11.53 -18.34
CA LYS B 37 -18.05 11.98 -19.14
C LYS B 37 -17.86 13.41 -19.64
N ASP B 38 -16.66 13.96 -19.41
CA ASP B 38 -16.31 15.31 -19.87
C ASP B 38 -15.61 15.20 -21.22
N PRO B 39 -16.29 15.63 -22.30
CA PRO B 39 -15.68 15.54 -23.64
C PRO B 39 -14.41 16.38 -23.78
N GLU B 40 -14.33 17.45 -23.01
CA GLU B 40 -13.16 18.32 -23.05
C GLU B 40 -11.94 17.63 -22.40
N PHE B 41 -12.18 16.94 -21.29
CA PHE B 41 -11.12 16.15 -20.65
C PHE B 41 -10.60 15.08 -21.59
N GLN B 42 -11.52 14.36 -22.23
CA GLN B 42 -11.16 13.26 -23.10
C GLN B 42 -10.39 13.75 -24.33
N ALA B 43 -10.71 14.95 -24.78
CA ALA B 43 -10.02 15.50 -25.94
C ALA B 43 -8.61 15.92 -25.54
N GLN B 44 -8.46 16.47 -24.33
CA GLN B 44 -7.14 16.86 -23.84
C GLN B 44 -6.26 15.62 -23.66
N PHE B 45 -6.84 14.61 -23.03
CA PHE B 45 -6.15 13.34 -22.78
C PHE B 45 -5.77 12.72 -24.13
N ALA B 46 -6.71 12.66 -25.05
CA ALA B 46 -6.42 12.04 -26.36
C ALA B 46 -5.32 12.80 -27.10
N ASP B 47 -5.33 14.11 -26.97
CA ASP B 47 -4.37 14.93 -27.70
C ASP B 47 -2.96 14.67 -27.16
N LEU B 48 -2.84 14.57 -25.83
CA LEU B 48 -1.57 14.27 -25.20
C LEU B 48 -1.06 12.89 -25.62
N LEU B 49 -1.95 11.90 -25.59
CA LEU B 49 -1.57 10.55 -25.96
C LEU B 49 -1.03 10.49 -27.40
N LYS B 50 -1.72 11.17 -28.31
CA LYS B 50 -1.31 11.14 -29.72
C LYS B 50 -0.07 12.01 -30.03
N ASN B 51 -0.16 13.29 -29.68
CA ASN B 51 0.79 14.27 -30.18
C ASN B 51 1.99 14.47 -29.26
N TYR B 52 1.86 14.03 -28.01
CA TYR B 52 2.95 14.14 -27.05
C TYR B 52 3.59 12.78 -26.77
N ALA B 53 2.78 11.74 -26.55
CA ALA B 53 3.33 10.44 -26.18
C ALA B 53 3.56 9.51 -27.38
N GLY B 54 2.88 9.78 -28.50
CA GLY B 54 3.14 9.02 -29.71
C GLY B 54 2.22 7.82 -29.96
N ARG B 55 1.00 7.85 -29.43
CA ARG B 55 0.03 6.80 -29.70
C ARG B 55 -0.61 7.04 -31.08
N PRO B 56 -1.03 5.96 -31.77
CA PRO B 56 -0.97 4.57 -31.36
C PRO B 56 0.43 3.99 -31.52
N THR B 57 0.75 3.02 -30.67
CA THR B 57 2.03 2.37 -30.77
C THR B 57 1.92 1.24 -31.79
N ALA B 58 3.06 0.92 -32.40
CA ALA B 58 3.14 -0.12 -33.41
C ALA B 58 2.79 -1.50 -32.84
N LEU B 59 2.33 -2.37 -33.74
CA LEU B 59 2.21 -3.79 -33.45
C LEU B 59 3.16 -4.49 -34.41
N THR B 60 4.21 -5.10 -33.86
CA THR B 60 5.31 -5.61 -34.66
C THR B 60 5.23 -7.12 -34.80
N LYS B 61 5.29 -7.63 -36.03
CA LYS B 61 5.34 -9.09 -36.20
C LYS B 61 6.78 -9.57 -36.12
N CYS B 62 7.06 -10.53 -35.23
CA CYS B 62 8.40 -11.10 -35.15
C CYS B 62 8.69 -11.88 -36.42
N GLN B 63 9.87 -11.64 -37.00
CA GLN B 63 10.20 -12.18 -38.31
C GLN B 63 11.08 -13.42 -38.19
N ASN B 64 11.73 -13.55 -37.04
CA ASN B 64 12.82 -14.50 -36.89
C ASN B 64 12.65 -15.43 -35.70
N ILE B 65 12.09 -14.96 -34.58
CA ILE B 65 12.20 -15.78 -33.39
C ILE B 65 11.16 -16.92 -33.39
N THR B 66 10.25 -16.89 -34.34
CA THR B 66 9.26 -17.95 -34.44
C THR B 66 9.54 -18.90 -35.60
N ALA B 67 10.68 -18.73 -36.26
CA ALA B 67 11.02 -19.55 -37.44
C ALA B 67 10.97 -21.04 -37.12
N GLY B 68 10.35 -21.80 -38.02
CA GLY B 68 10.33 -23.25 -37.88
C GLY B 68 9.24 -23.76 -36.94
N THR B 69 8.36 -22.86 -36.50
CA THR B 69 7.21 -23.24 -35.68
C THR B 69 5.91 -22.75 -36.28
N ARG B 70 4.80 -23.12 -35.65
CA ARG B 70 3.49 -22.71 -36.10
C ARG B 70 2.95 -21.56 -35.25
N THR B 71 3.86 -20.87 -34.56
CA THR B 71 3.48 -19.71 -33.77
C THR B 71 3.68 -18.44 -34.59
N THR B 72 2.67 -17.59 -34.61
CA THR B 72 2.80 -16.23 -35.11
C THR B 72 2.79 -15.32 -33.90
N LEU B 73 3.84 -14.51 -33.75
CA LEU B 73 3.98 -13.66 -32.56
C LEU B 73 4.07 -12.17 -32.92
N TYR B 74 3.19 -11.37 -32.32
CA TYR B 74 3.26 -9.93 -32.47
C TYR B 74 3.66 -9.31 -31.14
N LEU B 75 4.32 -8.16 -31.21
CA LEU B 75 4.72 -7.41 -30.01
C LEU B 75 4.00 -6.08 -30.02
N LYS B 76 3.23 -5.81 -28.98
CA LYS B 76 2.59 -4.50 -28.86
C LYS B 76 3.63 -3.55 -28.31
N ARG B 77 3.95 -2.51 -29.09
CA ARG B 77 5.18 -1.76 -28.84
C ARG B 77 5.06 -0.58 -27.85
N GLU B 78 4.69 -0.87 -26.61
CA GLU B 78 4.67 0.20 -25.61
C GLU B 78 6.09 0.72 -25.29
N ASP B 79 7.11 -0.03 -25.69
CA ASP B 79 8.51 0.44 -25.58
C ASP B 79 8.77 1.69 -26.42
N LEU B 80 7.87 1.97 -27.36
CA LEU B 80 8.02 3.12 -28.26
C LEU B 80 7.29 4.36 -27.72
N LEU B 81 6.58 4.20 -26.61
CA LEU B 81 5.87 5.32 -26.00
C LEU B 81 6.87 6.31 -25.46
N HIS B 82 6.54 7.60 -25.51
CA HIS B 82 7.39 8.62 -24.90
C HIS B 82 7.66 8.24 -23.44
N GLY B 83 8.91 8.27 -23.03
CA GLY B 83 9.29 7.86 -21.69
C GLY B 83 9.86 6.44 -21.69
N GLY B 84 9.38 5.60 -22.58
CA GLY B 84 9.97 4.29 -22.76
C GLY B 84 9.18 3.12 -22.17
N ALA B 85 7.99 3.39 -21.64
CA ALA B 85 7.12 2.32 -21.15
C ALA B 85 5.65 2.75 -21.13
N HIS B 86 4.76 1.76 -20.99
CA HIS B 86 3.31 1.97 -20.92
C HIS B 86 2.92 2.93 -19.78
N LYS B 87 3.80 3.09 -18.79
CA LYS B 87 3.45 3.89 -17.61
C LYS B 87 2.97 5.28 -17.99
N THR B 88 3.52 5.78 -19.09
CA THR B 88 3.24 7.15 -19.51
C THR B 88 1.75 7.33 -19.79
N ASN B 89 1.07 6.30 -20.29
CA ASN B 89 -0.35 6.46 -20.65
C ASN B 89 -1.21 7.03 -19.52
N GLN B 90 -1.26 6.31 -18.41
CA GLN B 90 -2.21 6.64 -17.36
C GLN B 90 -1.71 7.81 -16.51
N VAL B 91 -0.41 8.04 -16.53
CA VAL B 91 0.14 9.20 -15.84
C VAL B 91 -0.40 10.50 -16.46
N LEU B 92 -0.53 10.53 -17.78
CA LEU B 92 -1.09 11.71 -18.43
C LEU B 92 -2.54 11.95 -17.99
N GLY B 93 -3.32 10.88 -17.88
CA GLY B 93 -4.68 11.00 -17.37
C GLY B 93 -4.75 11.41 -15.91
N GLN B 94 -3.94 10.79 -15.04
CA GLN B 94 -3.97 11.15 -13.63
C GLN B 94 -3.47 12.56 -13.38
N ALA B 95 -2.48 12.98 -14.16
CA ALA B 95 -1.96 14.35 -14.02
C ALA B 95 -3.09 15.34 -14.33
N LEU B 96 -3.87 15.04 -15.36
CA LEU B 96 -4.99 15.92 -15.70
C LEU B 96 -6.02 15.91 -14.58
N LEU B 97 -6.26 14.75 -13.99
CA LEU B 97 -7.15 14.67 -12.81
C LEU B 97 -6.62 15.51 -11.64
N ALA B 98 -5.32 15.42 -11.37
CA ALA B 98 -4.72 16.23 -10.31
C ALA B 98 -5.02 17.71 -10.55
N LYS B 99 -4.83 18.18 -11.78
CA LYS B 99 -5.12 19.58 -12.12
C LYS B 99 -6.61 19.90 -11.90
N ARG B 100 -7.46 18.99 -12.36
CA ARG B 100 -8.91 19.12 -12.22
C ARG B 100 -9.31 19.26 -10.76
N MET B 101 -8.59 18.61 -9.87
CA MET B 101 -8.89 18.68 -8.43
C MET B 101 -8.14 19.82 -7.74
N GLY B 102 -7.43 20.65 -8.50
CA GLY B 102 -6.76 21.80 -7.93
C GLY B 102 -5.53 21.48 -7.12
N LYS B 103 -4.88 20.36 -7.40
CA LYS B 103 -3.65 20.03 -6.71
CA LYS B 103 -3.65 19.97 -6.73
C LYS B 103 -2.47 20.44 -7.56
N SER B 104 -1.38 20.82 -6.90
CA SER B 104 -0.22 21.37 -7.59
C SER B 104 1.01 20.52 -7.34
N GLU B 105 0.84 19.48 -6.54
CA GLU B 105 1.96 18.59 -6.21
CA GLU B 105 1.94 18.59 -6.17
C GLU B 105 1.60 17.15 -6.53
N ILE B 106 2.63 16.38 -6.86
CA ILE B 106 2.51 14.96 -7.19
C ILE B 106 3.44 14.13 -6.32
N ILE B 107 2.91 13.05 -5.72
CA ILE B 107 3.71 12.02 -5.05
C ILE B 107 3.66 10.78 -5.91
N ALA B 108 4.79 10.10 -6.11
CA ALA B 108 4.75 8.80 -6.81
C ALA B 108 5.78 7.83 -6.25
N GLU B 109 5.43 6.55 -6.22
CA GLU B 109 6.41 5.50 -5.98
C GLU B 109 6.99 5.07 -7.30
N THR B 110 8.20 4.53 -7.31
CA THR B 110 8.70 3.89 -8.51
C THR B 110 9.71 2.79 -8.17
N GLY B 111 9.75 1.77 -9.03
CA GLY B 111 10.67 0.65 -8.87
C GLY B 111 11.63 0.58 -10.04
N ALA B 112 11.08 0.29 -11.22
CA ALA B 112 11.89 0.29 -12.43
C ALA B 112 12.30 1.71 -12.81
N GLY B 113 11.63 2.70 -12.23
CA GLY B 113 11.92 4.09 -12.54
C GLY B 113 11.12 4.60 -13.74
N GLN B 114 10.38 3.71 -14.40
CA GLN B 114 9.60 4.12 -15.56
C GLN B 114 8.34 4.89 -15.15
N HIS B 115 7.73 4.49 -14.04
CA HIS B 115 6.60 5.26 -13.56
C HIS B 115 7.11 6.60 -13.00
N GLY B 116 8.28 6.56 -12.37
CA GLY B 116 8.88 7.78 -11.89
C GLY B 116 9.19 8.76 -13.01
N VAL B 117 9.79 8.25 -14.08
CA VAL B 117 10.08 9.07 -15.26
C VAL B 117 8.79 9.62 -15.86
N ALA B 118 7.77 8.77 -16.00
CA ALA B 118 6.48 9.23 -16.53
C ALA B 118 5.86 10.32 -15.64
N SER B 119 5.90 10.13 -14.33
CA SER B 119 5.38 11.11 -13.38
C SER B 119 6.13 12.44 -13.52
N ALA B 120 7.45 12.35 -13.62
CA ALA B 120 8.29 13.53 -13.75
C ALA B 120 8.03 14.27 -15.06
N LEU B 121 7.96 13.53 -16.17
CA LEU B 121 7.75 14.21 -17.46
C LEU B 121 6.37 14.86 -17.51
N ALA B 122 5.33 14.18 -16.99
CA ALA B 122 3.99 14.78 -16.97
C ALA B 122 3.93 16.02 -16.08
N SER B 123 4.63 15.97 -14.96
CA SER B 123 4.69 17.10 -14.03
C SER B 123 5.43 18.29 -14.64
N ALA B 124 6.50 18.00 -15.38
CA ALA B 124 7.23 19.07 -16.09
C ALA B 124 6.30 19.72 -17.12
N LEU B 125 5.59 18.90 -17.89
CA LEU B 125 4.73 19.39 -18.95
C LEU B 125 3.55 20.19 -18.39
N LEU B 126 2.91 19.66 -17.36
CA LEU B 126 1.64 20.21 -16.92
C LEU B 126 1.72 21.13 -15.70
N GLY B 127 2.94 21.43 -15.25
CA GLY B 127 3.17 22.41 -14.18
C GLY B 127 2.85 21.94 -12.77
N LEU B 128 3.31 20.73 -12.44
CA LEU B 128 3.15 20.17 -11.11
C LEU B 128 4.51 19.94 -10.45
N LYS B 129 4.55 20.05 -9.13
CA LYS B 129 5.76 19.76 -8.35
C LYS B 129 5.83 18.29 -7.94
N CYS B 130 6.81 17.57 -8.46
CA CYS B 130 6.84 16.11 -8.35
C CYS B 130 7.90 15.58 -7.39
N ARG B 131 7.50 14.70 -6.46
CA ARG B 131 8.47 14.00 -5.64
C ARG B 131 8.22 12.49 -5.72
N ILE B 132 9.31 11.75 -5.83
CA ILE B 132 9.26 10.34 -6.18
C ILE B 132 10.01 9.54 -5.12
N TYR B 133 9.37 8.51 -4.58
CA TYR B 133 10.03 7.57 -3.69
C TYR B 133 10.53 6.36 -4.47
N MET B 134 11.76 5.97 -4.20
CA MET B 134 12.38 4.85 -4.92
C MET B 134 13.27 4.08 -3.96
N GLY B 135 13.08 2.77 -3.87
CA GLY B 135 13.92 1.96 -3.00
C GLY B 135 15.39 2.13 -3.33
N ALA B 136 16.25 2.19 -2.32
CA ALA B 136 17.68 2.41 -2.55
C ALA B 136 18.33 1.31 -3.41
N LYS B 137 17.83 0.09 -3.33
CA LYS B 137 18.37 -0.97 -4.18
C LYS B 137 18.08 -0.66 -5.65
N ASP B 138 16.89 -0.12 -5.91
CA ASP B 138 16.44 0.18 -7.26
C ASP B 138 17.11 1.42 -7.83
N VAL B 139 17.39 2.40 -6.96
CA VAL B 139 18.18 3.56 -7.34
C VAL B 139 19.47 3.09 -8.02
N GLU B 140 20.06 2.01 -7.51
CA GLU B 140 21.27 1.47 -8.11
C GLU B 140 21.00 0.65 -9.38
N ARG B 141 20.15 -0.36 -9.30
CA ARG B 141 20.02 -1.27 -10.44
C ARG B 141 19.17 -0.68 -11.58
N GLN B 142 18.51 0.45 -11.34
CA GLN B 142 17.78 1.15 -12.43
C GLN B 142 18.26 2.59 -12.54
N SER B 143 19.55 2.80 -12.31
CA SER B 143 20.11 4.15 -12.20
C SER B 143 19.88 5.12 -13.38
N PRO B 144 19.82 4.61 -14.64
CA PRO B 144 19.58 5.60 -15.71
C PRO B 144 18.29 6.40 -15.51
N ASN B 145 17.27 5.77 -14.94
CA ASN B 145 16.00 6.47 -14.74
C ASN B 145 16.05 7.48 -13.61
N VAL B 146 16.97 7.29 -12.69
CA VAL B 146 17.18 8.26 -11.62
C VAL B 146 17.71 9.57 -12.21
N PHE B 147 18.67 9.45 -13.12
CA PHE B 147 19.21 10.62 -13.81
C PHE B 147 18.11 11.31 -14.63
N ARG B 148 17.33 10.52 -15.37
CA ARG B 148 16.26 11.11 -16.18
C ARG B 148 15.26 11.89 -15.32
N MET B 149 14.80 11.28 -14.23
CA MET B 149 13.85 11.96 -13.33
C MET B 149 14.37 13.29 -12.79
N ARG B 150 15.62 13.29 -12.35
CA ARG B 150 16.17 14.50 -11.75
C ARG B 150 16.42 15.59 -12.79
N LEU B 151 16.83 15.20 -13.99
CA LEU B 151 17.01 16.18 -15.07
C LEU B 151 15.69 16.88 -15.41
N MET B 152 14.58 16.18 -15.20
CA MET B 152 13.27 16.75 -15.47
C MET B 152 12.72 17.50 -14.26
N GLY B 153 13.53 17.61 -13.22
CA GLY B 153 13.18 18.46 -12.10
C GLY B 153 12.38 17.80 -10.99
N ALA B 154 12.30 16.48 -11.02
CA ALA B 154 11.60 15.78 -9.94
C ALA B 154 12.56 15.56 -8.78
N GLU B 155 12.02 15.55 -7.56
CA GLU B 155 12.79 15.18 -6.38
C GLU B 155 12.72 13.67 -6.23
N VAL B 156 13.87 13.01 -6.23
CA VAL B 156 13.92 11.57 -6.05
C VAL B 156 14.43 11.25 -4.65
N ILE B 157 13.60 10.55 -3.87
CA ILE B 157 13.91 10.25 -2.47
C ILE B 157 14.18 8.76 -2.27
N PRO B 158 15.46 8.41 -2.03
CA PRO B 158 15.83 7.01 -1.79
C PRO B 158 15.21 6.47 -0.52
N VAL B 159 14.67 5.26 -0.60
CA VAL B 159 14.06 4.61 0.55
C VAL B 159 14.94 3.43 0.97
N HIS B 160 15.46 3.49 2.20
CA HIS B 160 16.41 2.48 2.66
C HIS B 160 15.77 1.42 3.56
N SER B 161 14.53 1.65 3.98
CA SER B 161 13.86 0.74 4.91
C SER B 161 13.38 -0.53 4.21
N GLY B 162 13.12 -1.57 5.00
CA GLY B 162 12.65 -2.84 4.46
C GLY B 162 13.62 -3.47 3.48
N SER B 163 13.10 -3.91 2.33
CA SER B 163 13.92 -4.49 1.28
C SER B 163 14.55 -3.44 0.37
N ALA B 164 14.21 -2.17 0.60
CA ALA B 164 14.76 -1.05 -0.18
C ALA B 164 14.40 -1.21 -1.66
N THR B 165 13.21 -1.73 -1.89
CA THR B 165 12.72 -1.92 -3.24
C THR B 165 11.30 -1.37 -3.32
N LEU B 166 10.54 -1.83 -4.29
CA LEU B 166 9.27 -1.20 -4.65
C LEU B 166 8.26 -1.12 -3.48
N LYS B 167 8.09 -2.19 -2.72
CA LYS B 167 7.08 -2.17 -1.67
C LYS B 167 7.39 -1.08 -0.65
N ASP B 168 8.68 -0.84 -0.45
CA ASP B 168 9.11 0.14 0.56
C ASP B 168 8.89 1.55 0.05
N ALA B 169 9.11 1.75 -1.24
CA ALA B 169 8.72 3.02 -1.87
C ALA B 169 7.21 3.25 -1.79
N CYS B 170 6.43 2.20 -2.02
CA CYS B 170 4.96 2.32 -1.89
C CYS B 170 4.58 2.79 -0.50
N ASN B 171 5.17 2.14 0.50
CA ASN B 171 4.91 2.46 1.89
C ASN B 171 5.14 3.96 2.15
N GLU B 172 6.29 4.47 1.69
CA GLU B 172 6.66 5.84 2.00
C GLU B 172 5.76 6.83 1.28
N ALA B 173 5.39 6.50 0.04
CA ALA B 173 4.51 7.36 -0.74
C ALA B 173 3.17 7.49 -0.03
N LEU B 174 2.66 6.38 0.49
CA LEU B 174 1.36 6.39 1.15
C LEU B 174 1.45 7.12 2.49
N ARG B 175 2.55 6.93 3.23
CA ARG B 175 2.72 7.67 4.48
C ARG B 175 2.73 9.17 4.21
N ASP B 176 3.47 9.56 3.18
CA ASP B 176 3.54 10.97 2.75
C ASP B 176 2.14 11.50 2.43
N TRP B 177 1.41 10.80 1.57
CA TRP B 177 0.09 11.27 1.14
C TRP B 177 -0.86 11.45 2.32
N SER B 178 -0.76 10.59 3.33
CA SER B 178 -1.70 10.67 4.44
C SER B 178 -1.52 11.98 5.23
N GLY B 179 -0.39 12.64 5.03
CA GLY B 179 -0.18 13.97 5.60
C GLY B 179 -0.24 15.14 4.63
N SER B 180 -0.09 14.86 3.34
CA SER B 180 -0.02 15.94 2.36
C SER B 180 -1.15 16.00 1.34
N TYR B 181 -2.19 15.19 1.53
CA TYR B 181 -3.23 15.02 0.52
C TYR B 181 -3.99 16.31 0.21
N GLU B 182 -3.91 17.30 1.09
CA GLU B 182 -4.66 18.53 0.81
C GLU B 182 -4.11 19.24 -0.42
N THR B 183 -2.80 19.16 -0.60
CA THR B 183 -2.17 19.82 -1.74
C THR B 183 -1.55 18.84 -2.75
N ALA B 184 -1.39 17.58 -2.36
CA ALA B 184 -0.67 16.64 -3.22
C ALA B 184 -1.59 15.54 -3.71
N HIS B 185 -1.43 15.19 -4.99
CA HIS B 185 -2.12 14.02 -5.52
C HIS B 185 -1.17 12.83 -5.52
N TYR B 186 -1.63 11.68 -5.02
CA TYR B 186 -0.82 10.48 -5.08
C TYR B 186 -1.02 9.81 -6.44
N MET B 187 0.00 9.89 -7.30
CA MET B 187 -0.12 9.30 -8.63
C MET B 187 0.38 7.87 -8.60
N LEU B 188 -0.47 6.99 -8.09
CA LEU B 188 -0.15 5.57 -7.94
C LEU B 188 0.09 4.99 -9.33
N GLY B 189 1.14 4.18 -9.46
CA GLY B 189 1.62 3.79 -10.77
C GLY B 189 1.16 2.46 -11.32
N THR B 190 0.24 1.78 -10.64
CA THR B 190 -0.18 0.47 -11.11
C THR B 190 -1.65 0.23 -10.76
N ALA B 191 -2.23 -0.85 -11.31
CA ALA B 191 -3.62 -1.17 -11.06
C ALA B 191 -3.80 -1.94 -9.75
N ALA B 192 -3.38 -1.31 -8.66
CA ALA B 192 -3.45 -1.89 -7.34
C ALA B 192 -3.63 -0.76 -6.34
N GLY B 193 -3.55 -1.08 -5.05
CA GLY B 193 -3.84 -0.09 -4.03
C GLY B 193 -5.33 0.05 -3.82
N PRO B 194 -5.74 1.06 -3.04
CA PRO B 194 -7.15 1.24 -2.70
C PRO B 194 -7.98 1.74 -3.88
N HIS B 195 -9.24 1.32 -3.93
CA HIS B 195 -10.19 1.94 -4.84
C HIS B 195 -10.12 3.46 -4.64
N PRO B 196 -10.16 4.23 -5.73
CA PRO B 196 -10.47 3.85 -7.11
C PRO B 196 -9.26 3.53 -8.00
N TYR B 197 -8.06 3.38 -7.44
CA TYR B 197 -6.90 3.25 -8.33
C TYR B 197 -6.93 2.05 -9.28
N PRO B 198 -7.32 0.84 -8.82
CA PRO B 198 -7.29 -0.25 -9.82
C PRO B 198 -8.22 0.01 -11.00
N THR B 199 -9.32 0.68 -10.73
CA THR B 199 -10.27 1.03 -11.77
C THR B 199 -9.76 2.15 -12.67
N ILE B 200 -9.27 3.24 -12.08
CA ILE B 200 -8.76 4.36 -12.85
C ILE B 200 -7.58 3.92 -13.75
N VAL B 201 -6.65 3.17 -13.18
CA VAL B 201 -5.46 2.78 -13.93
C VAL B 201 -5.84 1.88 -15.11
N ARG B 202 -6.75 0.94 -14.91
CA ARG B 202 -7.25 0.15 -16.04
C ARG B 202 -7.85 1.02 -17.14
N GLU B 203 -8.72 1.95 -16.74
CA GLU B 203 -9.42 2.75 -17.74
C GLU B 203 -8.45 3.66 -18.48
N PHE B 204 -7.38 4.07 -17.82
CA PHE B 204 -6.39 4.95 -18.45
C PHE B 204 -5.26 4.18 -19.17
N GLN B 205 -5.30 2.84 -19.12
CA GLN B 205 -4.39 1.97 -19.87
C GLN B 205 -5.08 1.14 -20.93
N ARG B 206 -6.40 1.21 -21.03
CA ARG B 206 -7.13 0.21 -21.83
C ARG B 206 -6.99 0.46 -23.33
N MET B 207 -6.39 1.58 -23.73
CA MET B 207 -6.10 1.83 -25.13
C MET B 207 -5.10 0.79 -25.66
N ILE B 208 -4.31 0.18 -24.77
CA ILE B 208 -3.34 -0.80 -25.21
C ILE B 208 -4.06 -1.97 -25.89
N GLY B 209 -5.04 -2.54 -25.21
CA GLY B 209 -5.80 -3.67 -25.75
C GLY B 209 -6.69 -3.22 -26.88
N GLU B 210 -7.25 -2.02 -26.78
CA GLU B 210 -8.15 -1.54 -27.85
C GLU B 210 -7.39 -1.42 -29.17
N GLU B 211 -6.21 -0.80 -29.12
CA GLU B 211 -5.38 -0.68 -30.31
C GLU B 211 -4.97 -2.05 -30.82
N THR B 212 -4.51 -2.90 -29.90
CA THR B 212 -4.05 -4.23 -30.26
C THR B 212 -5.12 -4.99 -31.01
N LYS B 213 -6.35 -4.92 -30.52
CA LYS B 213 -7.46 -5.59 -31.20
C LYS B 213 -7.64 -5.07 -32.63
N ALA B 214 -7.65 -3.76 -32.81
CA ALA B 214 -7.85 -3.18 -34.14
C ALA B 214 -6.69 -3.53 -35.06
N GLN B 215 -5.49 -3.53 -34.51
CA GLN B 215 -4.32 -3.83 -35.31
C GLN B 215 -4.24 -5.31 -35.72
N ILE B 216 -4.61 -6.21 -34.82
CA ILE B 216 -4.51 -7.62 -35.15
C ILE B 216 -5.63 -7.99 -36.14
N LEU B 217 -6.78 -7.35 -36.00
CA LEU B 217 -7.88 -7.60 -36.93
C LEU B 217 -7.48 -7.14 -38.34
N ASP B 218 -6.84 -5.99 -38.41
CA ASP B 218 -6.35 -5.46 -39.68
C ASP B 218 -5.31 -6.37 -40.34
N LYS B 219 -4.38 -6.91 -39.56
N LYS B 219 -4.39 -6.92 -39.56
CA LYS B 219 -3.29 -7.68 -40.12
CA LYS B 219 -3.29 -7.69 -40.14
C LYS B 219 -3.62 -9.17 -40.31
C LYS B 219 -3.57 -9.19 -40.27
N GLU B 220 -4.44 -9.71 -39.41
CA GLU B 220 -4.71 -11.15 -39.41
C GLU B 220 -6.16 -11.54 -39.68
N GLY B 221 -7.08 -10.56 -39.65
CA GLY B 221 -8.48 -10.82 -39.90
C GLY B 221 -9.18 -11.58 -38.79
N ARG B 222 -8.53 -11.65 -37.62
CA ARG B 222 -9.09 -12.40 -36.50
CA ARG B 222 -9.09 -12.38 -36.49
C ARG B 222 -8.45 -11.96 -35.18
N LEU B 223 -9.04 -12.38 -34.08
CA LEU B 223 -8.53 -12.09 -32.75
C LEU B 223 -7.36 -13.00 -32.42
N PRO B 224 -6.50 -12.58 -31.48
CA PRO B 224 -5.41 -13.47 -31.07
C PRO B 224 -5.95 -14.70 -30.37
N ASP B 225 -5.16 -15.79 -30.41
CA ASP B 225 -5.43 -16.93 -29.57
C ASP B 225 -5.16 -16.62 -28.11
N ALA B 226 -4.15 -15.77 -27.85
CA ALA B 226 -3.85 -15.33 -26.49
C ALA B 226 -3.04 -14.03 -26.51
N VAL B 227 -3.26 -13.23 -25.47
CA VAL B 227 -2.43 -12.07 -25.20
C VAL B 227 -1.70 -12.30 -23.87
N ILE B 228 -0.42 -11.92 -23.84
CA ILE B 228 0.47 -12.30 -22.76
C ILE B 228 1.14 -11.05 -22.22
N ALA B 229 1.13 -10.87 -20.91
CA ALA B 229 1.73 -9.68 -20.29
C ALA B 229 2.29 -9.97 -18.91
N CYS B 230 3.39 -9.29 -18.56
CA CYS B 230 3.95 -9.45 -17.23
C CYS B 230 3.06 -8.72 -16.21
N VAL B 231 3.14 -9.16 -14.96
CA VAL B 231 2.33 -8.62 -13.89
C VAL B 231 3.24 -8.27 -12.70
N GLY B 232 3.48 -6.97 -12.53
CA GLY B 232 4.19 -6.47 -11.36
C GLY B 232 3.17 -5.99 -10.34
N GLY B 233 2.30 -5.08 -10.77
CA GLY B 233 1.14 -4.66 -10.00
C GLY B 233 -0.15 -4.94 -10.77
N GLY B 234 -0.06 -4.96 -12.10
CA GLY B 234 -1.20 -5.29 -12.94
C GLY B 234 -1.59 -4.29 -14.03
N SER B 235 -0.89 -3.17 -14.16
CA SER B 235 -1.44 -2.14 -15.08
C SER B 235 -1.22 -2.45 -16.56
N ASN B 236 -0.02 -2.87 -16.97
CA ASN B 236 0.15 -3.12 -18.40
C ASN B 236 -0.66 -4.35 -18.81
N ALA B 237 -0.77 -5.34 -17.91
CA ALA B 237 -1.54 -6.52 -18.24
C ALA B 237 -3.05 -6.19 -18.33
N ILE B 238 -3.59 -5.46 -17.34
CA ILE B 238 -5.02 -5.17 -17.41
C ILE B 238 -5.28 -4.20 -18.57
N GLY B 239 -4.30 -3.36 -18.91
CA GLY B 239 -4.48 -2.48 -20.06
C GLY B 239 -4.57 -3.26 -21.35
N MET B 240 -3.78 -4.33 -21.44
CA MET B 240 -3.86 -5.21 -22.61
C MET B 240 -5.13 -6.07 -22.57
N PHE B 241 -5.45 -6.61 -21.40
CA PHE B 241 -6.60 -7.54 -21.24
C PHE B 241 -7.99 -6.93 -21.44
N ALA B 242 -8.19 -5.69 -20.98
CA ALA B 242 -9.53 -5.17 -20.70
C ALA B 242 -10.46 -5.33 -21.88
N ASP B 243 -10.03 -4.88 -23.06
CA ASP B 243 -10.90 -4.90 -24.22
C ASP B 243 -11.14 -6.32 -24.75
N PHE B 244 -10.37 -7.30 -24.27
CA PHE B 244 -10.57 -8.69 -24.70
C PHE B 244 -11.35 -9.54 -23.70
N ILE B 245 -11.64 -9.00 -22.52
CA ILE B 245 -12.27 -9.82 -21.49
C ILE B 245 -13.58 -10.48 -21.95
N ASN B 246 -14.38 -9.75 -22.72
CA ASN B 246 -15.63 -10.32 -23.23
C ASN B 246 -15.48 -11.10 -24.54
N ASP B 247 -14.25 -11.19 -25.05
CA ASP B 247 -13.96 -12.05 -26.19
C ASP B 247 -13.49 -13.38 -25.65
N THR B 248 -14.45 -14.28 -25.44
CA THR B 248 -14.23 -15.48 -24.63
C THR B 248 -13.21 -16.44 -25.19
N SER B 249 -12.94 -16.37 -26.50
CA SER B 249 -11.97 -17.24 -27.15
CA SER B 249 -11.96 -17.27 -27.08
C SER B 249 -10.53 -16.76 -26.98
N VAL B 250 -10.36 -15.52 -26.53
CA VAL B 250 -9.02 -14.95 -26.38
C VAL B 250 -8.44 -15.24 -25.01
N GLY B 251 -7.38 -16.04 -24.99
CA GLY B 251 -6.71 -16.34 -23.73
C GLY B 251 -6.05 -15.10 -23.17
N LEU B 252 -6.10 -14.95 -21.85
CA LEU B 252 -5.43 -13.86 -21.15
C LEU B 252 -4.42 -14.51 -20.24
N ILE B 253 -3.14 -14.25 -20.47
CA ILE B 253 -2.09 -14.90 -19.69
C ILE B 253 -1.24 -13.83 -19.04
N GLY B 254 -1.18 -13.87 -17.72
CA GLY B 254 -0.35 -12.96 -16.96
C GLY B 254 0.88 -13.67 -16.42
N VAL B 255 2.02 -12.99 -16.48
CA VAL B 255 3.28 -13.62 -16.08
C VAL B 255 3.88 -12.95 -14.85
N GLU B 256 3.94 -13.69 -13.74
CA GLU B 256 4.56 -13.21 -12.50
C GLU B 256 6.03 -13.52 -12.51
N PRO B 257 6.82 -12.75 -11.78
CA PRO B 257 8.26 -13.06 -11.66
C PRO B 257 8.53 -14.26 -10.74
N GLY B 258 9.29 -15.23 -11.24
CA GLY B 258 9.61 -16.42 -10.49
C GLY B 258 10.95 -16.25 -9.79
N GLY B 259 11.61 -15.13 -10.04
CA GLY B 259 12.86 -14.82 -9.35
C GLY B 259 13.90 -15.92 -9.50
N HIS B 260 14.44 -16.39 -8.38
CA HIS B 260 15.43 -17.48 -8.44
C HIS B 260 14.79 -18.86 -8.54
N GLY B 261 13.47 -18.88 -8.59
CA GLY B 261 12.73 -20.13 -8.59
C GLY B 261 11.71 -20.10 -7.48
N ILE B 262 10.46 -20.47 -7.79
CA ILE B 262 9.40 -20.40 -6.78
C ILE B 262 9.79 -21.21 -5.54
N GLU B 263 10.48 -22.33 -5.75
CA GLU B 263 10.85 -23.22 -4.68
C GLU B 263 11.84 -22.56 -3.70
N THR B 264 12.52 -21.51 -4.15
CA THR B 264 13.49 -20.81 -3.30
C THR B 264 12.83 -19.79 -2.37
N GLY B 265 11.59 -19.44 -2.66
CA GLY B 265 10.91 -18.42 -1.88
C GLY B 265 11.30 -17.02 -2.30
N GLU B 266 12.26 -16.94 -3.22
CA GLU B 266 12.74 -15.65 -3.71
C GLU B 266 12.11 -15.35 -5.07
N HIS B 267 10.91 -14.79 -5.02
CA HIS B 267 10.12 -14.56 -6.24
C HIS B 267 9.15 -13.43 -5.95
N GLY B 268 8.31 -13.10 -6.94
CA GLY B 268 7.29 -12.08 -6.78
C GLY B 268 5.97 -12.58 -7.35
N ALA B 269 5.55 -13.78 -6.95
CA ALA B 269 4.39 -14.41 -7.59
C ALA B 269 3.27 -14.72 -6.58
N PRO B 270 2.69 -13.68 -5.97
CA PRO B 270 1.64 -13.87 -4.95
C PRO B 270 0.35 -14.43 -5.51
N LEU B 271 0.04 -14.15 -6.76
CA LEU B 271 -1.23 -14.57 -7.33
C LEU B 271 -1.30 -16.09 -7.26
N LYS B 272 -0.24 -16.75 -7.68
CA LYS B 272 -0.26 -18.21 -7.72
C LYS B 272 0.39 -18.85 -6.51
N HIS B 273 1.19 -18.11 -5.74
CA HIS B 273 1.94 -18.71 -4.65
C HIS B 273 1.84 -17.97 -3.33
N GLY B 274 0.98 -16.95 -3.26
CA GLY B 274 0.71 -16.27 -2.01
C GLY B 274 -0.66 -16.65 -1.49
N ARG B 275 -1.21 -15.82 -0.61
CA ARG B 275 -2.56 -16.02 -0.13
C ARG B 275 -3.18 -14.69 0.26
N VAL B 276 -4.51 -14.65 0.26
CA VAL B 276 -5.22 -13.38 0.40
C VAL B 276 -4.88 -12.71 1.74
N GLY B 277 -4.65 -11.40 1.66
CA GLY B 277 -4.28 -10.61 2.83
C GLY B 277 -4.73 -9.17 2.60
N ILE B 278 -4.45 -8.31 3.57
CA ILE B 278 -4.80 -6.90 3.45
C ILE B 278 -3.54 -6.05 3.64
N TYR B 279 -3.19 -5.29 2.62
CA TYR B 279 -1.96 -4.47 2.65
C TYR B 279 -2.01 -3.48 1.49
N PHE B 280 -1.37 -2.33 1.66
CA PHE B 280 -1.31 -1.28 0.64
C PHE B 280 -2.72 -0.90 0.16
N GLY B 281 -3.65 -0.84 1.10
CA GLY B 281 -4.99 -0.36 0.80
C GLY B 281 -5.94 -1.34 0.16
N MET B 282 -5.54 -2.59 -0.02
CA MET B 282 -6.39 -3.53 -0.74
C MET B 282 -6.38 -4.92 -0.13
N LYS B 283 -7.44 -5.68 -0.40
CA LYS B 283 -7.49 -7.09 -0.10
C LYS B 283 -7.10 -7.84 -1.37
N ALA B 284 -5.99 -8.57 -1.32
CA ALA B 284 -5.42 -9.15 -2.53
C ALA B 284 -4.47 -10.27 -2.14
N PRO B 285 -4.13 -11.14 -3.10
CA PRO B 285 -3.09 -12.13 -2.82
C PRO B 285 -1.79 -11.47 -2.43
N MET B 286 -1.12 -11.99 -1.40
CA MET B 286 0.20 -11.50 -1.06
C MET B 286 1.12 -12.57 -0.55
N MET B 287 2.41 -12.29 -0.70
CA MET B 287 3.44 -13.09 -0.05
C MET B 287 3.47 -12.68 1.41
N GLN B 288 3.18 -13.62 2.30
CA GLN B 288 3.17 -13.31 3.71
C GLN B 288 3.65 -14.50 4.52
N THR B 289 4.11 -14.22 5.73
CA THR B 289 4.51 -15.30 6.62
C THR B 289 3.28 -16.01 7.18
N ALA B 290 3.50 -17.12 7.88
CA ALA B 290 2.41 -17.86 8.51
C ALA B 290 1.63 -16.95 9.45
N ASP B 291 2.33 -16.02 10.10
CA ASP B 291 1.74 -15.11 11.08
C ASP B 291 1.01 -13.94 10.45
N GLY B 292 1.22 -13.74 9.15
CA GLY B 292 0.61 -12.60 8.49
C GLY B 292 1.48 -11.36 8.36
N GLN B 293 2.79 -11.50 8.58
CA GLN B 293 3.68 -10.41 8.21
C GLN B 293 3.85 -10.41 6.69
N ILE B 294 3.94 -9.23 6.08
CA ILE B 294 4.17 -9.16 4.64
C ILE B 294 5.62 -9.54 4.32
N GLU B 295 5.80 -10.46 3.38
CA GLU B 295 7.14 -10.90 3.03
C GLU B 295 7.79 -9.94 2.07
N GLU B 296 9.11 -9.98 1.99
CA GLU B 296 9.83 -9.26 0.96
C GLU B 296 9.87 -10.14 -0.29
N SER B 297 9.60 -9.52 -1.42
CA SER B 297 9.62 -10.21 -2.70
C SER B 297 11.03 -10.15 -3.27
N TYR B 298 11.24 -10.84 -4.38
CA TYR B 298 12.49 -10.72 -5.15
C TYR B 298 12.20 -10.91 -6.64
N SER B 299 12.76 -10.04 -7.49
CA SER B 299 12.90 -10.33 -8.93
C SER B 299 14.14 -9.64 -9.46
N ILE B 300 14.77 -10.21 -10.50
CA ILE B 300 15.84 -9.49 -11.17
C ILE B 300 15.30 -8.17 -11.68
N SER B 301 13.99 -8.11 -11.97
CA SER B 301 13.43 -6.88 -12.49
C SER B 301 12.74 -6.06 -11.41
N ALA B 302 13.22 -4.84 -11.24
CA ALA B 302 12.70 -3.94 -10.20
C ALA B 302 11.21 -3.70 -10.36
N GLY B 303 10.75 -3.65 -11.61
CA GLY B 303 9.35 -3.36 -11.90
C GLY B 303 8.37 -4.46 -11.50
N LEU B 304 8.87 -5.68 -11.30
CA LEU B 304 8.01 -6.82 -10.92
C LEU B 304 8.16 -7.23 -9.46
N ASP B 305 9.16 -6.63 -8.80
CA ASP B 305 9.60 -6.98 -7.45
C ASP B 305 8.67 -6.40 -6.39
N PHE B 306 7.50 -7.01 -6.24
CA PHE B 306 6.45 -6.51 -5.34
C PHE B 306 5.71 -7.72 -4.78
N PRO B 307 5.44 -7.75 -3.47
CA PRO B 307 4.85 -8.97 -2.89
C PRO B 307 3.33 -9.09 -3.00
N SER B 308 2.69 -8.20 -3.76
CA SER B 308 1.26 -8.36 -3.99
C SER B 308 0.95 -8.11 -5.46
N VAL B 309 -0.33 -7.88 -5.74
CA VAL B 309 -0.82 -7.82 -7.11
C VAL B 309 -2.21 -7.18 -7.09
N GLY B 310 -2.59 -6.52 -8.18
CA GLY B 310 -3.87 -5.81 -8.25
C GLY B 310 -5.06 -6.75 -8.15
N PRO B 311 -6.16 -6.27 -7.56
CA PRO B 311 -7.30 -7.14 -7.25
C PRO B 311 -8.05 -7.64 -8.48
N GLN B 312 -8.02 -6.93 -9.61
CA GLN B 312 -8.80 -7.41 -10.74
C GLN B 312 -8.14 -8.67 -11.32
N HIS B 313 -6.83 -8.77 -11.21
CA HIS B 313 -6.13 -9.99 -11.65
C HIS B 313 -6.42 -11.16 -10.73
N ALA B 314 -6.43 -10.92 -9.42
CA ALA B 314 -6.85 -11.94 -8.46
C ALA B 314 -8.24 -12.49 -8.80
N TYR B 315 -9.13 -11.57 -9.17
CA TYR B 315 -10.50 -11.94 -9.55
C TYR B 315 -10.58 -12.70 -10.88
N LEU B 316 -9.93 -12.19 -11.91
CA LEU B 316 -9.93 -12.85 -13.21
C LEU B 316 -9.37 -14.25 -13.08
N ASN B 317 -8.33 -14.40 -12.26
CA ASN B 317 -7.80 -15.73 -12.00
C ASN B 317 -8.81 -16.62 -11.31
N SER B 318 -9.51 -16.09 -10.30
CA SER B 318 -10.39 -16.91 -9.46
C SER B 318 -11.49 -17.55 -10.27
N ILE B 319 -12.01 -16.82 -11.26
CA ILE B 319 -13.10 -17.31 -12.11
C ILE B 319 -12.60 -18.02 -13.37
N GLY B 320 -11.28 -18.13 -13.50
CA GLY B 320 -10.68 -18.81 -14.63
C GLY B 320 -10.62 -18.04 -15.95
N ARG B 321 -10.97 -16.76 -15.92
CA ARG B 321 -10.98 -15.98 -17.17
C ARG B 321 -9.56 -15.69 -17.63
N ALA B 322 -8.66 -15.49 -16.68
CA ALA B 322 -7.27 -15.32 -17.03
C ALA B 322 -6.43 -16.38 -16.33
N ASP B 323 -5.35 -16.79 -17.00
CA ASP B 323 -4.41 -17.74 -16.42
C ASP B 323 -3.10 -17.04 -16.07
N TYR B 324 -2.52 -17.42 -14.94
CA TYR B 324 -1.27 -16.81 -14.51
C TYR B 324 -0.17 -17.84 -14.32
N VAL B 325 1.03 -17.47 -14.73
CA VAL B 325 2.18 -18.35 -14.75
C VAL B 325 3.37 -17.57 -14.23
N SER B 326 4.51 -18.21 -14.10
CA SER B 326 5.71 -17.50 -13.66
C SER B 326 6.89 -17.79 -14.58
N ILE B 327 7.83 -16.86 -14.57
CA ILE B 327 9.05 -16.94 -15.38
C ILE B 327 10.25 -16.54 -14.50
N THR B 328 11.32 -17.33 -14.52
CA THR B 328 12.45 -17.04 -13.64
C THR B 328 13.36 -15.96 -14.21
N ASP B 329 14.25 -15.45 -13.36
CA ASP B 329 15.31 -14.53 -13.79
C ASP B 329 16.01 -15.03 -15.05
N ASP B 330 16.45 -16.29 -15.02
CA ASP B 330 17.24 -16.82 -16.13
C ASP B 330 16.42 -16.93 -17.39
N GLU B 331 15.15 -17.29 -17.25
CA GLU B 331 14.27 -17.37 -18.43
C GLU B 331 14.06 -15.97 -19.03
N ALA B 332 13.84 -14.98 -18.17
CA ALA B 332 13.69 -13.61 -18.65
C ALA B 332 14.96 -13.10 -19.34
N LEU B 333 16.12 -13.41 -18.77
CA LEU B 333 17.38 -13.01 -19.38
C LEU B 333 17.57 -13.61 -20.76
N GLU B 334 17.19 -14.87 -20.93
CA GLU B 334 17.33 -15.52 -22.23
C GLU B 334 16.42 -14.85 -23.25
N ALA B 335 15.21 -14.49 -22.83
CA ALA B 335 14.27 -13.82 -23.74
C ALA B 335 14.80 -12.43 -24.12
N PHE B 336 15.39 -11.75 -23.15
CA PHE B 336 16.03 -10.44 -23.36
C PHE B 336 17.07 -10.58 -24.48
N LYS B 337 18.02 -11.48 -24.29
CA LYS B 337 19.08 -11.71 -25.28
C LYS B 337 18.52 -12.08 -26.65
N THR B 338 17.57 -13.00 -26.65
CA THR B 338 16.98 -13.44 -27.89
C THR B 338 16.32 -12.31 -28.68
N LEU B 339 15.58 -11.44 -28.00
CA LEU B 339 14.95 -10.35 -28.72
C LEU B 339 15.97 -9.35 -29.27
N CYS B 340 16.99 -9.04 -28.47
CA CYS B 340 18.06 -8.13 -28.90
C CYS B 340 18.72 -8.63 -30.17
N ARG B 341 19.03 -9.92 -30.18
CA ARG B 341 19.90 -10.46 -31.23
C ARG B 341 19.14 -10.88 -32.48
N HIS B 342 17.85 -11.19 -32.34
CA HIS B 342 17.11 -11.70 -33.49
C HIS B 342 15.98 -10.80 -33.99
N GLU B 343 15.57 -9.79 -33.21
CA GLU B 343 14.58 -8.85 -33.73
C GLU B 343 15.07 -7.39 -33.65
N GLY B 344 16.23 -7.17 -33.05
CA GLY B 344 16.76 -5.82 -32.94
C GLY B 344 15.94 -4.92 -32.03
N ILE B 345 15.35 -5.51 -31.00
CA ILE B 345 14.61 -4.72 -30.00
C ILE B 345 15.17 -5.02 -28.62
N ILE B 346 15.50 -3.99 -27.85
CA ILE B 346 15.99 -4.22 -26.48
C ILE B 346 14.83 -4.01 -25.52
N PRO B 347 14.32 -5.10 -24.94
CA PRO B 347 13.13 -4.98 -24.08
C PRO B 347 13.49 -4.75 -22.62
N ALA B 348 12.56 -4.13 -21.90
CA ALA B 348 12.65 -4.05 -20.44
C ALA B 348 12.71 -5.47 -19.89
N LEU B 349 13.47 -5.68 -18.81
CA LEU B 349 13.47 -7.01 -18.20
C LEU B 349 12.08 -7.41 -17.70
N GLU B 350 11.27 -6.45 -17.30
CA GLU B 350 9.89 -6.76 -16.94
C GLU B 350 9.18 -7.43 -18.10
N SER B 351 9.17 -6.74 -19.26
CA SER B 351 8.54 -7.24 -20.49
C SER B 351 9.14 -8.56 -20.96
N SER B 352 10.42 -8.75 -20.67
CA SER B 352 11.11 -9.98 -21.07
C SER B 352 10.49 -11.20 -20.39
N HIS B 353 9.86 -11.01 -19.24
CA HIS B 353 9.17 -12.15 -18.58
C HIS B 353 7.99 -12.58 -19.44
N ALA B 354 7.26 -11.61 -19.98
CA ALA B 354 6.14 -11.94 -20.87
C ALA B 354 6.62 -12.63 -22.14
N LEU B 355 7.64 -12.05 -22.76
CA LEU B 355 8.21 -12.67 -23.97
C LEU B 355 8.68 -14.09 -23.68
N ALA B 356 9.31 -14.29 -22.53
CA ALA B 356 9.87 -15.60 -22.19
C ALA B 356 8.77 -16.63 -22.16
N HIS B 357 7.62 -16.26 -21.59
CA HIS B 357 6.56 -17.24 -21.56
C HIS B 357 6.02 -17.56 -22.95
N ALA B 358 5.87 -16.54 -23.80
CA ALA B 358 5.42 -16.78 -25.17
C ALA B 358 6.41 -17.69 -25.90
N LEU B 359 7.71 -17.48 -25.66
CA LEU B 359 8.72 -18.34 -26.31
C LEU B 359 8.59 -19.77 -25.81
N LYS B 360 8.24 -19.92 -24.54
CA LYS B 360 8.00 -21.25 -23.99
C LYS B 360 6.75 -21.91 -24.60
N MET B 361 5.69 -21.13 -24.78
CA MET B 361 4.49 -21.66 -25.41
C MET B 361 4.80 -22.22 -26.81
N MET B 362 5.59 -21.46 -27.55
CA MET B 362 6.05 -21.87 -28.87
C MET B 362 6.97 -23.09 -28.83
N ARG B 363 8.03 -23.01 -28.03
CA ARG B 363 9.03 -24.09 -28.00
C ARG B 363 8.46 -25.41 -27.47
N GLU B 364 7.56 -25.34 -26.51
CA GLU B 364 7.02 -26.56 -25.89
C GLU B 364 6.14 -27.34 -26.87
N GLN B 365 5.51 -26.62 -27.77
CA GLN B 365 4.53 -27.20 -28.69
C GLN B 365 4.68 -26.52 -30.07
N PRO B 366 5.78 -26.84 -30.75
CA PRO B 366 6.20 -26.05 -31.93
C PRO B 366 5.30 -26.28 -33.14
N GLU B 367 4.49 -27.34 -33.13
CA GLU B 367 3.56 -27.54 -34.23
C GLU B 367 2.13 -27.14 -33.89
N LYS B 368 1.95 -26.50 -32.73
CA LYS B 368 0.65 -25.95 -32.37
C LYS B 368 0.43 -24.61 -33.06
N GLU B 369 -0.66 -24.52 -33.80
CA GLU B 369 -0.99 -23.26 -34.50
C GLU B 369 -1.48 -22.26 -33.47
N GLN B 370 -0.76 -21.17 -33.29
CA GLN B 370 -1.22 -20.16 -32.36
C GLN B 370 -0.77 -18.77 -32.76
N LEU B 371 -1.70 -17.83 -32.62
CA LEU B 371 -1.48 -16.42 -32.90
C LEU B 371 -1.40 -15.67 -31.58
N LEU B 372 -0.22 -15.16 -31.24
CA LEU B 372 0.02 -14.63 -29.91
C LEU B 372 0.39 -13.16 -29.98
N VAL B 373 -0.05 -12.38 -28.99
CA VAL B 373 0.47 -11.03 -28.80
C VAL B 373 1.13 -10.92 -27.44
N VAL B 374 2.37 -10.42 -27.42
CA VAL B 374 3.03 -10.08 -26.17
C VAL B 374 3.01 -8.57 -25.97
N ASN B 375 2.59 -8.12 -24.81
CA ASN B 375 2.68 -6.69 -24.51
C ASN B 375 4.11 -6.31 -24.20
N LEU B 376 4.78 -5.61 -25.11
CA LEU B 376 6.16 -5.24 -24.85
C LEU B 376 6.12 -3.92 -24.08
N SER B 377 5.95 -4.04 -22.77
CA SER B 377 5.55 -2.91 -21.94
C SER B 377 6.61 -1.80 -21.87
N GLY B 378 7.88 -2.14 -22.05
CA GLY B 378 8.94 -1.14 -21.96
C GLY B 378 10.20 -1.45 -22.75
N ARG B 379 11.01 -0.43 -23.02
CA ARG B 379 12.32 -0.68 -23.61
CA ARG B 379 12.32 -0.64 -23.61
C ARG B 379 13.35 -0.91 -22.51
N GLY B 380 14.48 -1.50 -22.88
CA GLY B 380 15.41 -2.00 -21.88
C GLY B 380 16.63 -1.16 -21.58
N ASP B 381 16.63 0.11 -22.00
CA ASP B 381 17.78 0.98 -21.77
C ASP B 381 18.17 1.02 -20.30
N LYS B 382 17.16 1.00 -19.41
CA LYS B 382 17.39 1.09 -17.98
C LYS B 382 18.10 -0.16 -17.42
N ASP B 383 18.04 -1.26 -18.18
CA ASP B 383 18.53 -2.56 -17.74
C ASP B 383 19.86 -2.98 -18.35
N ILE B 384 20.40 -2.20 -19.26
CA ILE B 384 21.52 -2.72 -20.06
C ILE B 384 22.76 -2.92 -19.19
N PHE B 385 22.94 -2.09 -18.18
CA PHE B 385 24.10 -2.23 -17.32
C PHE B 385 23.94 -3.44 -16.42
N THR B 386 22.75 -3.60 -15.85
CA THR B 386 22.43 -4.79 -15.07
C THR B 386 22.67 -6.08 -15.86
N VAL B 387 22.14 -6.14 -17.09
CA VAL B 387 22.24 -7.35 -17.88
C VAL B 387 23.69 -7.60 -18.30
N HIS B 388 24.37 -6.53 -18.68
CA HIS B 388 25.77 -6.64 -19.09
C HIS B 388 26.64 -7.26 -18.00
N ASP B 389 26.49 -6.76 -16.78
CA ASP B 389 27.28 -7.26 -15.65
C ASP B 389 27.01 -8.74 -15.38
N ILE B 390 25.75 -9.15 -15.55
CA ILE B 390 25.39 -10.55 -15.34
C ILE B 390 26.03 -11.44 -16.41
N LEU B 391 25.91 -11.02 -17.67
CA LEU B 391 26.45 -11.81 -18.77
C LEU B 391 27.97 -11.91 -18.68
N LYS B 392 28.62 -10.89 -18.13
CA LYS B 392 30.08 -10.91 -18.01
C LYS B 392 30.52 -11.86 -16.91
N ALA B 393 29.80 -11.86 -15.79
CA ALA B 393 30.10 -12.74 -14.66
C ALA B 393 29.67 -14.19 -14.96
N ARG B 394 29.32 -14.43 -16.22
CA ARG B 394 28.88 -15.75 -16.69
C ARG B 394 29.59 -16.08 -17.99
N GLY B 395 30.80 -15.57 -18.16
CA GLY B 395 31.52 -15.76 -19.41
C GLY B 395 30.91 -14.92 -20.52
N GLU B 396 30.19 -15.58 -21.42
CA GLU B 396 29.46 -14.93 -22.50
C GLU B 396 30.34 -14.00 -23.33
C1 F9F C . -3.27 5.00 14.27
C2 F9F C . -4.18 5.25 15.29
C3 F9F C . -3.77 5.18 16.60
C4 F9F C . -2.46 4.84 16.89
C5 F9F C . -1.55 4.59 15.89
C6 F9F C . -1.96 4.67 14.57
O7 F9F C . -3.60 5.05 12.92
C8 F9F C . -4.90 5.40 12.54
F9F F9F C . -4.89 5.41 11.20
F10 F9F C . -5.24 6.63 12.97
F11 F9F C . -5.79 4.50 12.98
S12 F9F C . -1.89 4.75 18.56
N13 F9F C . -0.48 5.54 18.63
C14 F9F C . -0.59 6.91 18.30
C15 F9F C . 0.58 7.67 18.88
O16 F9F C . 0.79 8.83 18.09
P17 F9F C . 2.12 9.61 18.39
O18 F9F C . 3.27 8.64 18.22
O19 F9F C . 2.24 10.75 17.42
O20 F9F C . 2.08 10.14 19.82
O21 F9F C . -1.82 3.40 19.02
O22 F9F C . -2.85 5.41 19.40
O 0JO D . 8.47 2.01 -13.25
C 0JO D . 8.07 1.57 -12.15
OXT 0JO D . 8.00 2.30 -11.13
CA 0JO D . 7.65 0.13 -12.07
CB 0JO D . 7.38 -0.47 -10.88
N 0JO D . 7.55 -0.53 -13.32
C4A 0JO D . 6.77 -1.57 -13.60
C4 0JO D . 6.80 -2.12 -15.01
C3 0JO D . 7.57 -1.55 -16.01
O3 0JO D . 8.38 -0.43 -15.82
C2 0JO D . 7.55 -2.09 -17.29
C2A 0JO D . 8.41 -1.50 -18.40
N1 0JO D . 6.79 -3.19 -17.54
C6 0JO D . 6.01 -3.73 -16.58
C5 0JO D . 6.00 -3.20 -15.31
C5A 0JO D . 5.14 -3.89 -14.25
OP4 0JO D . 4.15 -3.02 -13.70
P 0JO D . 2.61 -3.32 -14.10
OP3 0JO D . 1.82 -2.29 -13.33
OP1 0JO D . 2.48 -3.14 -15.59
OP2 0JO D . 2.24 -4.69 -13.62
CS CS E . 4.26 -9.03 -8.25
CS CS F . 6.25 -18.90 -37.78
N1 BZI G . 4.27 -0.15 -10.85
C2 BZI G . 4.26 1.16 -10.48
N3 BZI G . 3.97 1.22 -9.15
C3A BZI G . 3.82 -0.06 -8.70
C4 BZI G . 3.53 -0.58 -7.42
C5 BZI G . 3.43 -1.96 -7.25
C6 BZI G . 3.62 -2.81 -8.32
C7 BZI G . 3.93 -2.31 -9.58
C7A BZI G . 4.02 -0.91 -9.76
N1 BZI H . -20.91 0.08 -4.30
C2 BZI H . -20.85 -1.27 -4.11
N3 BZI H . -21.13 -1.87 -5.29
C3A BZI H . -21.37 -0.91 -6.22
C4 BZI H . -21.71 -0.98 -7.57
C5 BZI H . -21.90 0.19 -8.30
C6 BZI H . -21.76 1.41 -7.66
C7 BZI H . -21.43 1.49 -6.32
C7A BZI H . -21.23 0.30 -5.59
#